data_3ZIK
#
_entry.id   3ZIK
#
_cell.length_a   60.110
_cell.length_b   62.870
_cell.length_c   63.270
_cell.angle_alpha   99.97
_cell.angle_beta   110.91
_cell.angle_gamma   99.23
#
_symmetry.space_group_name_H-M   'P 1'
#
loop_
_entity.id
_entity.type
_entity.pdbx_description
1 polymer WPL1
2 water water
#
_entity_poly.entity_id   1
_entity_poly.type   'polypeptide(L)'
_entity_poly.pdbx_seq_one_letter_code
;DEALSRHFNELRTMGETLKYSEDLDFILSDNSMTTPEHRRNNMLRLCLDMMNNEDLCQYIVKYRHREVWEWCFQGTDPKQ
KVTSLLQCFIADKIPLLRHDKRWAMLSLENFILPLATDEVFPKKIAGSRLVKLNYQDLLRKLKFTNTCEYALYIWATYLL
YTEAVYGAVPALARLISRGQLKDWDTACSLLENNIVAAPSGSDIEEYAQAFQTLAGLSREKLTNEGVLKCLIKLTNHTTV
LELSADLLPSLVRSLAMSVQLHQNNIVSSISEIKTNLLILQLGLLLNIVSEATTAASTEELTNFGAVFRSVFVKKPTEMS
FVLQLFLLVYAYSAGAAGVQLPPAEADFLKSELEAFATDVSSYNHNIHTRITRVLETL
;
_entity_poly.pdbx_strand_id   A,B
#
# COMPACT_ATOMS: atom_id res chain seq x y z
N ARG A 6 -35.50 15.43 -22.87
CA ARG A 6 -35.43 15.15 -24.33
C ARG A 6 -35.89 16.33 -25.17
N HIS A 7 -34.96 17.25 -25.45
CA HIS A 7 -35.15 18.26 -26.50
C HIS A 7 -35.51 17.56 -27.80
N PHE A 8 -35.09 16.29 -27.95
CA PHE A 8 -35.31 15.56 -29.20
C PHE A 8 -36.78 15.16 -29.48
N ASN A 9 -37.56 14.96 -28.42
CA ASN A 9 -38.97 14.65 -28.68
C ASN A 9 -39.80 15.91 -29.03
N GLU A 10 -39.28 17.09 -28.68
CA GLU A 10 -39.83 18.36 -29.15
C GLU A 10 -39.85 18.45 -30.70
N LEU A 11 -38.71 18.11 -31.35
CA LEU A 11 -38.49 18.32 -32.81
C LEU A 11 -39.62 17.75 -33.67
N ARG A 12 -40.02 18.50 -34.70
CA ARG A 12 -41.14 18.04 -35.53
C ARG A 12 -40.76 18.03 -36.99
N THR A 13 -39.97 19.00 -37.39
CA THR A 13 -39.65 19.13 -38.79
C THR A 13 -38.22 18.73 -39.10
N MET A 14 -38.00 18.44 -40.40
CA MET A 14 -36.66 18.18 -40.93
C MET A 14 -35.62 19.31 -40.60
N GLY A 15 -36.00 20.58 -40.73
CA GLY A 15 -35.13 21.73 -40.36
C GLY A 15 -34.72 21.80 -38.89
N GLU A 16 -35.65 21.49 -37.98
CA GLU A 16 -35.35 21.37 -36.54
C GLU A 16 -34.43 20.14 -36.28
N THR A 17 -34.67 19.04 -37.00
CA THR A 17 -33.90 17.79 -36.83
C THR A 17 -32.44 17.99 -37.30
N LEU A 18 -32.30 18.58 -38.49
CA LEU A 18 -31.00 19.03 -39.03
C LEU A 18 -30.19 19.97 -38.08
N LYS A 19 -30.85 20.97 -37.48
CA LYS A 19 -30.21 21.84 -36.50
C LYS A 19 -29.72 21.02 -35.27
N TYR A 20 -30.61 20.19 -34.75
CA TYR A 20 -30.39 19.38 -33.56
C TYR A 20 -29.03 18.66 -33.66
N SER A 21 -28.78 18.04 -34.80
CA SER A 21 -27.66 17.18 -35.00
C SER A 21 -26.53 17.90 -35.80
N GLU A 22 -26.64 19.21 -35.91
CA GLU A 22 -25.66 20.02 -36.64
C GLU A 22 -24.24 19.93 -36.04
N ASP A 23 -24.10 20.06 -34.72
CA ASP A 23 -22.77 19.91 -34.10
C ASP A 23 -22.24 18.48 -34.22
N LEU A 24 -23.11 17.49 -34.03
CA LEU A 24 -22.68 16.12 -34.20
C LEU A 24 -22.12 15.87 -35.58
N ASP A 25 -22.86 16.33 -36.60
CA ASP A 25 -22.44 16.19 -37.99
C ASP A 25 -21.10 16.87 -38.22
N PHE A 26 -20.90 18.00 -37.56
CA PHE A 26 -19.61 18.68 -37.67
C PHE A 26 -18.51 17.86 -37.01
N ILE A 27 -18.75 17.42 -35.76
CA ILE A 27 -17.81 16.57 -35.02
C ILE A 27 -17.49 15.34 -35.85
N LEU A 28 -18.50 14.70 -36.43
CA LEU A 28 -18.26 13.53 -37.27
C LEU A 28 -17.49 13.79 -38.55
N SER A 29 -17.44 15.04 -38.99
CA SER A 29 -16.80 15.34 -40.30
C SER A 29 -15.29 15.44 -40.11
N ASP A 30 -14.56 15.44 -41.23
CA ASP A 30 -13.09 15.57 -41.21
C ASP A 30 -12.59 16.98 -40.85
N ASN A 31 -13.53 17.89 -40.63
CA ASN A 31 -13.26 19.29 -40.29
C ASN A 31 -13.00 19.50 -38.83
N SER A 32 -13.26 18.47 -38.03
CA SER A 32 -13.02 18.51 -36.60
C SER A 32 -11.81 17.63 -36.21
N MET A 33 -11.28 16.88 -37.18
CA MET A 33 -10.13 15.99 -36.99
C MET A 33 -8.90 16.61 -37.60
N THR A 34 -8.88 17.94 -37.75
CA THR A 34 -7.73 18.68 -38.31
C THR A 34 -6.43 18.16 -37.69
N THR A 35 -6.34 18.25 -36.35
CA THR A 35 -5.18 17.80 -35.61
C THR A 35 -5.55 16.82 -34.46
N PRO A 36 -4.61 15.95 -34.01
CA PRO A 36 -4.87 15.13 -32.80
C PRO A 36 -5.57 15.87 -31.66
N GLU A 37 -5.11 17.08 -31.37
CA GLU A 37 -5.65 17.91 -30.33
C GLU A 37 -7.06 18.36 -30.62
N HIS A 38 -7.37 18.60 -31.89
CA HIS A 38 -8.70 19.07 -32.29
C HIS A 38 -9.65 17.93 -32.28
N ARG A 39 -9.20 16.73 -32.68
CA ARG A 39 -10.01 15.52 -32.61
C ARG A 39 -10.33 15.28 -31.16
N ARG A 40 -9.33 15.46 -30.31
CA ARG A 40 -9.50 15.18 -28.89
C ARG A 40 -10.50 16.14 -28.31
N ASN A 41 -10.36 17.43 -28.60
CA ASN A 41 -11.27 18.47 -28.09
C ASN A 41 -12.74 18.34 -28.53
N ASN A 42 -12.93 17.92 -29.76
CA ASN A 42 -14.29 17.70 -30.25
C ASN A 42 -14.83 16.40 -29.68
N MET A 43 -13.97 15.40 -29.52
CA MET A 43 -14.43 14.18 -28.90
C MET A 43 -14.85 14.50 -27.47
N LEU A 44 -14.10 15.36 -26.79
CA LEU A 44 -14.44 15.76 -25.42
C LEU A 44 -15.80 16.51 -25.27
N ARG A 45 -16.07 17.45 -26.16
CA ARG A 45 -17.38 18.13 -26.16
C ARG A 45 -18.51 17.11 -26.42
N LEU A 46 -18.32 16.18 -27.36
CA LEU A 46 -19.37 15.15 -27.60
C LEU A 46 -19.61 14.33 -26.37
N CYS A 47 -18.50 13.91 -25.70
CA CYS A 47 -18.68 13.01 -24.52
C CYS A 47 -19.36 13.78 -23.37
N LEU A 48 -18.98 15.04 -23.21
CA LEU A 48 -19.61 15.86 -22.13
C LEU A 48 -21.11 16.17 -22.42
N ASP A 49 -21.44 16.46 -23.68
CA ASP A 49 -22.85 16.52 -24.09
C ASP A 49 -23.55 15.17 -23.87
N MET A 50 -22.91 14.01 -24.17
CA MET A 50 -23.61 12.71 -23.89
C MET A 50 -23.84 12.46 -22.39
N MET A 51 -22.84 12.81 -21.60
CA MET A 51 -22.88 12.66 -20.15
C MET A 51 -24.02 13.47 -19.53
N ASN A 52 -24.25 14.67 -20.07
CA ASN A 52 -25.29 15.63 -19.60
C ASN A 52 -26.68 15.50 -20.23
N ASN A 53 -26.81 14.80 -21.36
CA ASN A 53 -28.08 14.68 -22.11
C ASN A 53 -28.36 13.26 -22.50
N GLU A 54 -29.18 12.60 -21.72
CA GLU A 54 -29.76 11.30 -22.11
C GLU A 54 -30.47 11.31 -23.49
N ASP A 55 -31.20 12.39 -23.80
CA ASP A 55 -31.84 12.54 -25.13
C ASP A 55 -30.84 12.37 -26.28
N LEU A 56 -29.68 13.02 -26.14
CA LEU A 56 -28.65 12.92 -27.11
C LEU A 56 -28.15 11.50 -27.22
N CYS A 57 -27.98 10.78 -26.10
CA CYS A 57 -27.54 9.37 -26.23
C CYS A 57 -28.53 8.48 -26.93
N GLN A 58 -29.81 8.65 -26.61
CA GLN A 58 -30.83 7.81 -27.22
C GLN A 58 -30.90 8.15 -28.70
N TYR A 59 -30.76 9.43 -29.02
CA TYR A 59 -30.79 9.84 -30.42
C TYR A 59 -29.70 9.11 -31.19
N ILE A 60 -28.50 9.05 -30.57
CA ILE A 60 -27.33 8.47 -31.24
C ILE A 60 -27.49 6.98 -31.44
N VAL A 61 -27.97 6.33 -30.39
CA VAL A 61 -28.19 4.87 -30.38
C VAL A 61 -29.25 4.48 -31.44
N LYS A 62 -30.32 5.28 -31.55
CA LYS A 62 -31.43 4.87 -32.42
C LYS A 62 -31.11 5.17 -33.93
N TYR A 63 -30.41 6.27 -34.22
CA TYR A 63 -30.17 6.69 -35.61
C TYR A 63 -28.77 6.76 -36.10
N ARG A 64 -27.81 7.09 -35.23
CA ARG A 64 -26.45 7.37 -35.65
C ARG A 64 -25.44 6.43 -35.00
N HIS A 65 -25.89 5.27 -34.49
CA HIS A 65 -25.02 4.39 -33.62
C HIS A 65 -23.73 4.00 -34.23
N ARG A 66 -23.82 3.31 -35.37
CA ARG A 66 -22.64 2.81 -36.02
C ARG A 66 -21.74 3.90 -36.56
N GLU A 67 -22.35 4.96 -37.08
CA GLU A 67 -21.60 6.09 -37.59
C GLU A 67 -20.74 6.70 -36.45
N VAL A 68 -21.33 6.97 -35.30
CA VAL A 68 -20.58 7.46 -34.15
C VAL A 68 -19.49 6.49 -33.68
N TRP A 69 -19.80 5.17 -33.65
CA TRP A 69 -18.81 4.18 -33.21
C TRP A 69 -17.61 4.15 -34.14
N GLU A 70 -17.89 4.14 -35.44
CA GLU A 70 -16.81 4.03 -36.39
C GLU A 70 -15.97 5.30 -36.39
N TRP A 71 -16.55 6.43 -36.02
CA TRP A 71 -15.83 7.67 -35.89
C TRP A 71 -14.99 7.70 -34.63
N CYS A 72 -15.55 7.33 -33.47
CA CYS A 72 -14.75 7.31 -32.22
C CYS A 72 -13.57 6.38 -32.32
N PHE A 73 -13.76 5.21 -32.92
CA PHE A 73 -12.74 4.15 -32.99
C PHE A 73 -12.00 4.04 -34.30
N GLN A 74 -12.10 5.09 -35.11
CA GLN A 74 -11.43 5.12 -36.37
C GLN A 74 -9.90 5.12 -36.27
N GLY A 75 -9.40 5.55 -35.11
CA GLY A 75 -7.98 5.46 -34.76
C GLY A 75 -7.91 5.39 -33.26
N THR A 76 -7.12 4.45 -32.78
CA THR A 76 -6.89 4.25 -31.38
C THR A 76 -5.34 4.19 -31.22
N ASP A 77 -4.85 4.64 -30.08
CA ASP A 77 -3.42 4.68 -29.80
C ASP A 77 -3.32 4.81 -28.33
N PRO A 78 -2.77 3.78 -27.68
CA PRO A 78 -2.81 3.73 -26.20
C PRO A 78 -1.94 4.81 -25.49
N LYS A 79 -1.02 5.43 -26.26
CA LYS A 79 -0.17 6.52 -25.74
C LYS A 79 -0.92 7.85 -25.72
N GLN A 80 -2.05 7.92 -26.43
CA GLN A 80 -2.93 9.13 -26.46
C GLN A 80 -3.96 9.05 -25.32
N LYS A 81 -3.58 9.51 -24.13
CA LYS A 81 -4.26 9.11 -22.91
C LYS A 81 -5.69 9.66 -22.73
N VAL A 82 -5.86 10.94 -22.94
CA VAL A 82 -7.14 11.55 -22.80
C VAL A 82 -8.07 11.03 -23.90
N THR A 83 -7.55 10.86 -25.08
CA THR A 83 -8.42 10.42 -26.16
C THR A 83 -8.86 9.02 -25.87
N SER A 84 -7.93 8.15 -25.40
CA SER A 84 -8.27 6.77 -25.04
C SER A 84 -9.28 6.68 -23.89
N LEU A 85 -9.16 7.60 -22.92
CA LEU A 85 -10.17 7.74 -21.86
C LEU A 85 -11.60 8.03 -22.41
N LEU A 86 -11.67 8.98 -23.32
CA LEU A 86 -12.96 9.36 -23.93
C LEU A 86 -13.51 8.18 -24.72
N GLN A 87 -12.62 7.40 -25.35
CA GLN A 87 -13.05 6.23 -26.11
C GLN A 87 -13.56 5.08 -25.19
N CYS A 88 -12.95 4.94 -24.03
CA CYS A 88 -13.45 4.03 -23.03
C CYS A 88 -14.81 4.46 -22.53
N PHE A 89 -14.98 5.75 -22.27
CA PHE A 89 -16.30 6.29 -21.94
C PHE A 89 -17.34 5.98 -23.01
N ILE A 90 -17.02 6.22 -24.27
CA ILE A 90 -17.98 6.02 -25.37
C ILE A 90 -18.41 4.54 -25.43
N ALA A 91 -17.46 3.59 -25.31
CA ALA A 91 -17.75 2.18 -25.37
C ALA A 91 -18.72 1.77 -24.29
N ASP A 92 -18.60 2.40 -23.13
CA ASP A 92 -19.38 2.06 -21.98
C ASP A 92 -20.70 2.80 -22.01
N LYS A 93 -20.73 3.98 -22.62
CA LYS A 93 -21.91 4.80 -22.56
C LYS A 93 -22.93 4.37 -23.64
N ILE A 94 -22.44 4.05 -24.85
CA ILE A 94 -23.29 3.56 -25.96
C ILE A 94 -22.73 2.25 -26.53
N PRO A 95 -22.66 1.18 -25.71
CA PRO A 95 -22.08 -0.04 -26.25
C PRO A 95 -22.90 -0.57 -27.44
N LEU A 96 -22.27 -1.15 -28.41
CA LEU A 96 -22.93 -1.88 -29.47
C LEU A 96 -23.50 -3.17 -28.88
N LEU A 97 -24.40 -3.83 -29.59
CA LEU A 97 -24.80 -5.16 -29.14
C LEU A 97 -23.59 -6.04 -29.13
N ARG A 98 -23.55 -7.02 -28.25
CA ARG A 98 -22.36 -7.90 -28.14
C ARG A 98 -22.00 -8.75 -29.35
N HIS A 99 -22.95 -8.99 -30.25
CA HIS A 99 -22.60 -9.72 -31.49
C HIS A 99 -22.06 -8.84 -32.60
N ASP A 100 -21.97 -7.52 -32.42
CA ASP A 100 -21.58 -6.61 -33.48
C ASP A 100 -20.10 -6.70 -33.70
N LYS A 101 -19.71 -6.90 -34.95
CA LYS A 101 -18.30 -7.13 -35.33
C LYS A 101 -17.43 -5.91 -35.07
N ARG A 102 -18.04 -4.74 -35.03
CA ARG A 102 -17.32 -3.51 -34.75
C ARG A 102 -16.70 -3.39 -33.39
N TRP A 103 -16.94 -4.39 -32.53
CA TRP A 103 -16.24 -4.51 -31.24
C TRP A 103 -14.78 -4.79 -31.44
N ALA A 104 -14.47 -5.48 -32.56
CA ALA A 104 -13.09 -5.65 -33.03
C ALA A 104 -12.35 -4.35 -33.41
N MET A 105 -13.00 -3.19 -33.57
CA MET A 105 -12.24 -1.93 -33.67
C MET A 105 -11.45 -1.53 -32.38
N LEU A 106 -11.77 -2.17 -31.25
CA LEU A 106 -11.02 -2.04 -29.99
C LEU A 106 -10.11 -3.27 -29.87
N SER A 107 -8.90 -3.15 -30.39
CA SER A 107 -7.94 -4.27 -30.42
C SER A 107 -7.46 -4.56 -28.97
N LEU A 108 -7.64 -5.79 -28.50
CA LEU A 108 -7.12 -6.23 -27.21
C LEU A 108 -5.59 -6.09 -27.21
N GLU A 109 -4.92 -6.74 -28.18
CA GLU A 109 -3.47 -6.74 -28.27
C GLU A 109 -2.87 -5.36 -28.43
N ASN A 110 -3.42 -4.55 -29.32
CA ASN A 110 -2.79 -3.26 -29.62
C ASN A 110 -3.34 -2.07 -28.91
N PHE A 111 -4.46 -2.22 -28.20
CA PHE A 111 -5.08 -1.05 -27.64
C PHE A 111 -5.39 -1.31 -26.18
N ILE A 112 -6.29 -2.28 -25.93
CA ILE A 112 -6.76 -2.54 -24.56
C ILE A 112 -5.69 -3.03 -23.58
N LEU A 113 -4.98 -4.09 -23.97
CA LEU A 113 -4.02 -4.72 -23.11
C LEU A 113 -2.92 -3.69 -22.74
N PRO A 114 -2.31 -2.95 -23.72
CA PRO A 114 -1.42 -1.82 -23.37
C PRO A 114 -2.01 -0.69 -22.46
N LEU A 115 -3.25 -0.25 -22.68
CA LEU A 115 -3.90 0.72 -21.80
C LEU A 115 -4.10 0.17 -20.40
N ALA A 116 -4.59 -1.07 -20.32
CA ALA A 116 -4.91 -1.73 -19.01
C ALA A 116 -3.68 -1.91 -18.09
N THR A 117 -2.50 -1.96 -18.67
CA THR A 117 -1.26 -2.23 -17.92
C THR A 117 -0.35 -0.99 -17.73
N ASP A 118 -0.78 0.17 -18.24
CA ASP A 118 0.00 1.39 -18.08
C ASP A 118 -0.65 2.32 -17.05
N GLU A 119 -0.03 2.43 -15.87
CA GLU A 119 -0.61 3.23 -14.78
C GLU A 119 -0.38 4.74 -14.93
N VAL A 120 0.52 5.15 -15.81
CA VAL A 120 0.70 6.61 -16.02
C VAL A 120 -0.52 7.27 -16.73
N PHE A 121 -1.09 8.29 -16.09
CA PHE A 121 -2.21 9.05 -16.64
C PHE A 121 -2.06 10.57 -16.34
N PRO A 122 -2.21 11.46 -17.35
CA PRO A 122 -1.96 12.94 -17.07
C PRO A 122 -3.02 13.55 -16.21
N LYS A 123 -2.61 14.42 -15.27
CA LYS A 123 -3.52 15.10 -14.32
C LYS A 123 -4.16 16.38 -14.87
N LYS A 124 -3.61 16.88 -15.96
CA LYS A 124 -4.00 18.14 -16.49
C LYS A 124 -3.97 17.94 -17.97
N ILE A 125 -4.79 18.72 -18.66
CA ILE A 125 -4.85 18.70 -20.09
C ILE A 125 -4.31 20.02 -20.68
N ALA A 126 -3.52 19.91 -21.75
CA ALA A 126 -3.01 21.08 -22.49
C ALA A 126 -4.11 21.64 -23.35
N GLY A 127 -4.52 22.87 -23.05
CA GLY A 127 -5.37 23.63 -23.98
C GLY A 127 -5.99 24.84 -23.34
N SER A 128 -6.98 25.42 -24.04
CA SER A 128 -7.68 26.64 -23.63
C SER A 128 -8.31 26.47 -22.29
N ARG A 129 -8.84 27.58 -21.75
CA ARG A 129 -9.54 27.50 -20.50
C ARG A 129 -10.82 26.65 -20.62
N LEU A 130 -11.39 26.63 -21.82
CA LEU A 130 -12.72 26.00 -22.04
C LEU A 130 -12.58 24.48 -22.07
N VAL A 131 -11.64 24.04 -22.90
CA VAL A 131 -11.07 22.71 -22.88
C VAL A 131 -10.82 22.21 -21.45
N LYS A 132 -9.97 22.90 -20.68
CA LYS A 132 -9.68 22.53 -19.31
C LYS A 132 -10.92 22.38 -18.42
N LEU A 133 -11.86 23.31 -18.57
CA LEU A 133 -13.11 23.29 -17.84
C LEU A 133 -14.02 22.10 -18.21
N ASN A 134 -14.10 21.80 -19.52
CA ASN A 134 -14.88 20.68 -20.08
C ASN A 134 -14.31 19.36 -19.55
N TYR A 135 -12.97 19.29 -19.58
CA TYR A 135 -12.23 18.14 -19.09
C TYR A 135 -12.49 17.95 -17.58
N GLN A 136 -12.28 18.98 -16.77
CA GLN A 136 -12.48 18.86 -15.31
C GLN A 136 -13.94 18.51 -14.99
N ASP A 137 -14.83 19.11 -15.74
CA ASP A 137 -16.23 18.73 -15.72
C ASP A 137 -16.56 17.23 -16.03
N LEU A 138 -15.98 16.69 -17.07
CA LEU A 138 -16.30 15.32 -17.48
C LEU A 138 -15.74 14.33 -16.47
N LEU A 139 -14.46 14.53 -16.07
CA LEU A 139 -13.78 13.68 -15.05
C LEU A 139 -14.57 13.48 -13.76
N ARG A 140 -15.26 14.53 -13.28
CA ARG A 140 -16.06 14.41 -12.06
C ARG A 140 -17.24 13.45 -12.22
N LYS A 141 -17.62 13.21 -13.46
CA LYS A 141 -18.80 12.38 -13.76
C LYS A 141 -18.37 10.98 -14.25
N LEU A 142 -17.15 10.83 -14.80
CA LEU A 142 -16.70 9.50 -15.29
C LEU A 142 -16.68 8.42 -14.17
N LYS A 143 -17.09 7.18 -14.52
CA LYS A 143 -16.92 5.97 -13.65
C LYS A 143 -15.46 5.75 -13.21
N PHE A 144 -14.50 5.83 -14.15
CA PHE A 144 -13.06 5.77 -13.79
C PHE A 144 -12.30 6.96 -14.34
N THR A 145 -11.21 7.40 -13.71
CA THR A 145 -10.60 8.69 -14.14
C THR A 145 -9.22 8.48 -14.73
N ASN A 146 -8.95 7.23 -15.06
CA ASN A 146 -7.76 6.88 -15.81
C ASN A 146 -8.03 5.70 -16.67
N THR A 147 -7.14 5.59 -17.63
CA THR A 147 -7.31 4.61 -18.63
C THR A 147 -6.92 3.16 -18.23
N CYS A 148 -6.06 2.99 -17.23
CA CYS A 148 -5.72 1.67 -16.72
C CYS A 148 -7.03 1.03 -16.20
N GLU A 149 -7.76 1.70 -15.35
CA GLU A 149 -8.94 1.14 -14.77
C GLU A 149 -10.06 0.99 -15.77
N TYR A 150 -10.30 2.06 -16.51
CA TYR A 150 -11.30 2.03 -17.55
C TYR A 150 -11.07 0.91 -18.57
N ALA A 151 -9.83 0.70 -19.02
CA ALA A 151 -9.53 -0.34 -20.02
C ALA A 151 -9.72 -1.74 -19.41
N LEU A 152 -9.36 -1.94 -18.14
CA LEU A 152 -9.65 -3.28 -17.52
C LEU A 152 -11.12 -3.52 -17.44
N TYR A 153 -11.87 -2.46 -17.13
CA TYR A 153 -13.30 -2.53 -17.01
C TYR A 153 -13.92 -2.91 -18.36
N ILE A 154 -13.50 -2.24 -19.42
CA ILE A 154 -14.00 -2.51 -20.77
C ILE A 154 -13.69 -3.95 -21.21
N TRP A 155 -12.44 -4.35 -20.95
CA TRP A 155 -12.01 -5.66 -21.29
C TRP A 155 -12.90 -6.71 -20.59
N ALA A 156 -13.14 -6.52 -19.31
CA ALA A 156 -13.84 -7.53 -18.49
C ALA A 156 -15.37 -7.53 -18.75
N THR A 157 -15.93 -6.38 -19.14
CA THR A 157 -17.32 -6.22 -19.36
C THR A 157 -17.76 -6.60 -20.76
N TYR A 158 -16.95 -6.25 -21.76
CA TYR A 158 -17.40 -6.31 -23.13
C TYR A 158 -16.55 -7.13 -24.00
N LEU A 159 -15.28 -7.36 -23.66
CA LEU A 159 -14.41 -8.04 -24.66
C LEU A 159 -13.87 -9.39 -24.16
N LEU A 160 -14.58 -10.03 -23.24
CA LEU A 160 -14.08 -11.33 -22.81
C LEU A 160 -14.59 -12.44 -23.74
N TYR A 161 -13.84 -12.72 -24.80
CA TYR A 161 -14.16 -13.81 -25.71
C TYR A 161 -13.67 -15.15 -25.20
N THR A 162 -14.24 -16.22 -25.80
CA THR A 162 -13.78 -17.61 -25.61
C THR A 162 -12.33 -17.85 -26.14
N GLU A 163 -11.55 -16.76 -26.23
CA GLU A 163 -10.13 -16.81 -26.60
C GLU A 163 -9.21 -16.25 -25.49
N ALA A 164 -7.98 -16.76 -25.47
CA ALA A 164 -6.90 -16.19 -24.70
C ALA A 164 -6.16 -15.19 -25.60
N VAL A 165 -5.68 -14.11 -25.01
CA VAL A 165 -5.02 -13.04 -25.77
C VAL A 165 -3.49 -12.96 -25.52
N TYR A 166 -2.72 -12.81 -26.59
CA TYR A 166 -1.29 -13.07 -26.47
C TYR A 166 -0.52 -12.14 -25.49
N GLY A 167 0.35 -12.72 -24.64
CA GLY A 167 1.13 -11.97 -23.60
C GLY A 167 0.35 -11.30 -22.45
N ALA A 168 -0.96 -11.51 -22.42
CA ALA A 168 -1.83 -11.03 -21.38
C ALA A 168 -1.41 -11.52 -20.00
N VAL A 169 -1.12 -12.79 -19.90
CA VAL A 169 -0.88 -13.41 -18.57
C VAL A 169 0.32 -12.83 -17.84
N PRO A 170 1.51 -12.84 -18.47
CA PRO A 170 2.68 -12.11 -17.93
C PRO A 170 2.45 -10.61 -17.73
N ALA A 171 1.81 -9.95 -18.70
CA ALA A 171 1.57 -8.49 -18.56
C ALA A 171 0.65 -8.19 -17.36
N LEU A 172 -0.41 -8.98 -17.16
CA LEU A 172 -1.30 -8.79 -15.97
C LEU A 172 -0.59 -9.06 -14.63
N ALA A 173 0.23 -10.10 -14.62
CA ALA A 173 0.97 -10.48 -13.45
C ALA A 173 1.95 -9.34 -13.09
N ARG A 174 2.63 -8.79 -14.09
CA ARG A 174 3.50 -7.60 -13.86
C ARG A 174 2.73 -6.46 -13.24
N LEU A 175 1.50 -6.24 -13.73
CA LEU A 175 0.67 -5.16 -13.19
C LEU A 175 0.31 -5.40 -11.76
N ILE A 176 -0.09 -6.62 -11.48
CA ILE A 176 -0.52 -6.92 -10.16
C ILE A 176 0.67 -6.85 -9.21
N SER A 177 1.84 -7.32 -9.65
CA SER A 177 2.95 -7.21 -8.74
C SER A 177 3.56 -5.82 -8.55
N ARG A 178 3.59 -5.02 -9.60
CA ARG A 178 4.30 -3.73 -9.55
C ARG A 178 3.35 -2.61 -9.33
N GLY A 179 2.05 -2.88 -9.57
CA GLY A 179 1.02 -1.83 -9.54
C GLY A 179 0.36 -1.55 -8.21
N GLN A 180 -0.48 -0.53 -8.17
CA GLN A 180 -1.28 -0.24 -7.02
C GLN A 180 -2.69 0.18 -7.49
N LEU A 181 -3.56 -0.79 -7.66
CA LEU A 181 -4.93 -0.45 -8.04
C LEU A 181 -5.76 -0.35 -6.79
N LYS A 182 -6.82 0.45 -6.85
CA LYS A 182 -7.84 0.54 -5.81
C LYS A 182 -8.43 -0.84 -5.53
N ASP A 183 -8.70 -1.58 -6.59
CA ASP A 183 -9.31 -2.88 -6.47
C ASP A 183 -8.63 -3.89 -7.42
N TRP A 184 -8.25 -5.05 -6.90
CA TRP A 184 -7.60 -6.03 -7.73
C TRP A 184 -8.49 -7.02 -8.45
N ASP A 185 -9.75 -7.13 -8.02
CA ASP A 185 -10.73 -8.13 -8.58
C ASP A 185 -10.76 -8.19 -10.06
N THR A 186 -10.91 -7.03 -10.72
CA THR A 186 -11.02 -7.09 -12.20
C THR A 186 -9.75 -7.60 -12.88
N ALA A 187 -8.60 -7.00 -12.57
CA ALA A 187 -7.33 -7.44 -13.18
C ALA A 187 -7.07 -8.94 -12.93
N CYS A 188 -7.22 -9.36 -11.67
CA CYS A 188 -7.03 -10.79 -11.33
C CYS A 188 -7.97 -11.73 -12.06
N SER A 189 -9.22 -11.32 -12.18
CA SER A 189 -10.23 -12.10 -12.97
C SER A 189 -9.79 -12.23 -14.42
N LEU A 190 -9.23 -11.17 -14.99
CA LEU A 190 -8.83 -11.24 -16.39
C LEU A 190 -7.64 -12.18 -16.46
N LEU A 191 -6.78 -12.15 -15.45
CA LEU A 191 -5.61 -13.04 -15.49
C LEU A 191 -6.15 -14.49 -15.38
N GLU A 192 -7.02 -14.75 -14.42
CA GLU A 192 -7.62 -16.09 -14.17
C GLU A 192 -8.29 -16.60 -15.44
N ASN A 193 -9.07 -15.77 -16.11
CA ASN A 193 -9.77 -16.19 -17.33
C ASN A 193 -8.85 -16.36 -18.53
N ASN A 194 -7.60 -15.91 -18.43
CA ASN A 194 -6.68 -16.13 -19.52
C ASN A 194 -5.78 -17.37 -19.34
N ILE A 195 -6.04 -18.15 -18.29
CA ILE A 195 -5.32 -19.39 -18.02
C ILE A 195 -6.20 -20.49 -18.56
N VAL A 196 -5.70 -21.22 -19.57
CA VAL A 196 -6.50 -22.27 -20.22
C VAL A 196 -6.41 -23.65 -19.50
N ALA A 197 -7.47 -24.45 -19.69
CA ALA A 197 -7.55 -25.81 -19.15
C ALA A 197 -6.42 -26.75 -19.62
N ALA A 198 -6.13 -26.68 -20.92
CA ALA A 198 -5.27 -27.64 -21.60
C ALA A 198 -4.08 -26.92 -22.26
N PRO A 199 -3.13 -26.42 -21.48
CA PRO A 199 -2.14 -25.57 -22.12
C PRO A 199 -1.03 -26.30 -22.88
N SER A 200 -0.38 -25.57 -23.79
CA SER A 200 0.82 -26.05 -24.46
C SER A 200 2.04 -25.80 -23.57
N GLY A 201 3.23 -26.15 -24.05
CA GLY A 201 4.44 -25.89 -23.29
C GLY A 201 4.81 -24.42 -23.26
N SER A 202 4.56 -23.70 -24.36
CA SER A 202 4.85 -22.27 -24.44
C SER A 202 3.95 -21.47 -23.49
N ASP A 203 2.67 -21.89 -23.42
CA ASP A 203 1.68 -21.44 -22.45
C ASP A 203 2.15 -21.67 -21.01
N ILE A 204 2.65 -22.89 -20.74
CA ILE A 204 3.13 -23.28 -19.41
C ILE A 204 4.28 -22.40 -18.98
N GLU A 205 5.21 -22.10 -19.90
CA GLU A 205 6.27 -21.15 -19.60
C GLU A 205 5.73 -19.78 -19.22
N GLU A 206 4.71 -19.29 -19.94
CA GLU A 206 4.06 -18.02 -19.58
C GLU A 206 3.51 -18.10 -18.14
N TYR A 207 2.77 -19.18 -17.84
CA TYR A 207 2.20 -19.38 -16.48
C TYR A 207 3.27 -19.45 -15.42
N ALA A 208 4.36 -20.11 -15.78
CA ALA A 208 5.44 -20.28 -14.85
C ALA A 208 6.04 -18.91 -14.57
N GLN A 209 6.43 -18.21 -15.64
CA GLN A 209 6.88 -16.82 -15.51
C GLN A 209 5.90 -16.00 -14.67
N ALA A 210 4.60 -16.09 -14.98
CA ALA A 210 3.62 -15.33 -14.26
C ALA A 210 3.63 -15.67 -12.77
N PHE A 211 3.74 -16.97 -12.44
CA PHE A 211 3.65 -17.38 -11.08
C PHE A 211 4.86 -16.88 -10.28
N GLN A 212 5.98 -16.82 -10.96
CA GLN A 212 7.24 -16.46 -10.34
C GLN A 212 7.13 -15.02 -9.94
N THR A 213 6.66 -14.20 -10.88
CA THR A 213 6.35 -12.80 -10.60
C THR A 213 5.36 -12.60 -9.42
N LEU A 214 4.33 -13.45 -9.31
CA LEU A 214 3.41 -13.28 -8.23
C LEU A 214 3.84 -13.97 -6.93
N ALA A 215 4.75 -14.94 -7.00
CA ALA A 215 5.15 -15.76 -5.81
C ALA A 215 5.85 -14.93 -4.73
N GLY A 216 6.41 -13.79 -5.13
CA GLY A 216 7.08 -12.91 -4.20
C GLY A 216 6.26 -11.68 -3.84
N LEU A 217 4.95 -11.72 -4.06
CA LEU A 217 4.12 -10.60 -3.68
C LEU A 217 4.14 -10.31 -2.18
N SER A 218 3.97 -9.06 -1.78
CA SER A 218 3.89 -8.70 -0.36
C SER A 218 2.80 -9.47 0.42
N ARG A 219 2.97 -9.54 1.73
CA ARG A 219 1.95 -10.12 2.64
C ARG A 219 0.58 -9.52 2.46
N GLU A 220 0.56 -8.21 2.19
CA GLU A 220 -0.66 -7.50 2.05
C GLU A 220 -1.35 -7.81 0.74
N LYS A 221 -0.63 -7.81 -0.37
CA LYS A 221 -1.29 -8.22 -1.61
C LYS A 221 -1.77 -9.66 -1.52
N LEU A 222 -1.07 -10.53 -0.78
CA LEU A 222 -1.50 -11.92 -0.60
C LEU A 222 -2.73 -12.10 0.28
N THR A 223 -3.27 -11.04 0.87
CA THR A 223 -4.57 -11.18 1.50
C THR A 223 -5.69 -10.80 0.53
N ASN A 224 -5.37 -10.46 -0.71
CA ASN A 224 -6.43 -10.11 -1.67
C ASN A 224 -7.05 -11.39 -2.32
N GLU A 225 -8.37 -11.48 -2.39
CA GLU A 225 -9.06 -12.71 -2.82
C GLU A 225 -8.75 -13.00 -4.29
N GLY A 226 -8.77 -11.95 -5.12
CA GLY A 226 -8.40 -12.07 -6.55
C GLY A 226 -7.01 -12.61 -6.71
N VAL A 227 -6.07 -12.03 -5.98
CA VAL A 227 -4.71 -12.52 -6.11
C VAL A 227 -4.62 -14.05 -5.84
N LEU A 228 -5.22 -14.46 -4.72
CA LEU A 228 -5.13 -15.84 -4.27
C LEU A 228 -5.74 -16.78 -5.28
N LYS A 229 -6.86 -16.39 -5.86
CA LYS A 229 -7.52 -17.23 -6.86
C LYS A 229 -6.65 -17.37 -8.07
N CYS A 230 -5.95 -16.32 -8.50
CA CYS A 230 -4.94 -16.46 -9.56
C CYS A 230 -3.86 -17.43 -9.21
N LEU A 231 -3.34 -17.34 -7.98
CA LEU A 231 -2.23 -18.16 -7.58
C LEU A 231 -2.69 -19.61 -7.60
N ILE A 232 -3.94 -19.88 -7.20
CA ILE A 232 -4.48 -21.25 -7.12
C ILE A 232 -4.62 -21.79 -8.55
N LYS A 233 -5.17 -20.98 -9.45
CA LYS A 233 -5.35 -21.38 -10.82
C LYS A 233 -4.04 -21.63 -11.52
N LEU A 234 -3.00 -20.83 -11.26
CA LEU A 234 -1.71 -21.11 -11.86
C LEU A 234 -1.11 -22.38 -11.30
N THR A 235 -1.23 -22.60 -9.98
CA THR A 235 -0.56 -23.74 -9.37
C THR A 235 -1.39 -25.06 -9.51
N ASN A 236 -2.58 -24.99 -10.09
CA ASN A 236 -3.30 -26.22 -10.45
C ASN A 236 -2.53 -26.94 -11.52
N HIS A 237 -1.65 -26.22 -12.21
CA HIS A 237 -0.73 -26.83 -13.19
C HIS A 237 0.61 -27.12 -12.52
N THR A 238 0.88 -28.39 -12.34
CA THR A 238 1.98 -28.84 -11.52
C THR A 238 3.42 -28.54 -12.05
N THR A 239 3.59 -28.44 -13.36
CA THR A 239 4.85 -28.04 -13.96
C THR A 239 5.20 -26.62 -13.52
N VAL A 240 4.16 -25.79 -13.39
CA VAL A 240 4.35 -24.46 -12.79
C VAL A 240 5.11 -24.54 -11.46
N LEU A 241 4.76 -25.49 -10.59
CA LEU A 241 5.44 -25.62 -9.28
C LEU A 241 6.86 -26.15 -9.39
N GLU A 242 7.07 -27.16 -10.24
CA GLU A 242 8.42 -27.65 -10.58
C GLU A 242 9.33 -26.53 -11.06
N LEU A 243 8.87 -25.71 -11.99
CA LEU A 243 9.70 -24.63 -12.53
C LEU A 243 10.02 -23.48 -11.55
N SER A 244 9.40 -23.49 -10.36
CA SER A 244 9.37 -22.32 -9.46
C SER A 244 9.67 -22.74 -8.03
N ALA A 245 10.19 -23.96 -7.90
CA ALA A 245 10.44 -24.63 -6.63
C ALA A 245 11.16 -23.78 -5.65
N ASP A 246 12.09 -22.94 -6.13
CA ASP A 246 12.87 -22.11 -5.23
C ASP A 246 12.07 -21.02 -4.52
N LEU A 247 10.88 -20.68 -5.04
CA LEU A 247 10.10 -19.58 -4.44
C LEU A 247 9.15 -20.09 -3.36
N LEU A 248 8.78 -21.36 -3.49
CA LEU A 248 7.73 -21.99 -2.71
C LEU A 248 7.90 -21.83 -1.20
N PRO A 249 9.14 -22.02 -0.67
CA PRO A 249 9.27 -21.88 0.78
C PRO A 249 8.94 -20.51 1.33
N SER A 250 9.21 -19.47 0.57
CA SER A 250 8.87 -18.17 1.09
C SER A 250 7.34 -17.90 0.98
N LEU A 251 6.71 -18.44 -0.05
CA LEU A 251 5.28 -18.33 -0.24
C LEU A 251 4.54 -19.08 0.86
N VAL A 252 5.00 -20.30 1.14
CA VAL A 252 4.44 -21.17 2.20
C VAL A 252 4.52 -20.46 3.55
N ARG A 253 5.68 -19.86 3.81
CA ARG A 253 5.86 -19.13 5.03
C ARG A 253 4.82 -17.99 5.17
N SER A 254 4.66 -17.15 4.15
CA SER A 254 3.75 -16.01 4.27
C SER A 254 2.31 -16.48 4.44
N LEU A 255 1.93 -17.55 3.74
CA LEU A 255 0.58 -18.20 3.87
C LEU A 255 0.36 -18.73 5.27
N ALA A 256 1.34 -19.43 5.77
CA ALA A 256 1.25 -20.04 7.10
C ALA A 256 1.18 -18.95 8.21
N MET A 257 1.94 -17.86 8.07
CA MET A 257 1.89 -16.78 9.05
C MET A 257 0.53 -16.08 9.03
N SER A 258 -0.05 -15.89 7.84
CA SER A 258 -1.41 -15.31 7.73
C SER A 258 -2.51 -16.22 8.32
N VAL A 259 -2.40 -17.53 8.09
CA VAL A 259 -3.31 -18.46 8.70
C VAL A 259 -3.12 -18.38 10.22
N GLN A 260 -1.89 -18.38 10.71
CA GLN A 260 -1.68 -18.32 12.17
C GLN A 260 -2.28 -17.05 12.78
N LEU A 261 -2.09 -15.93 12.11
CA LEU A 261 -2.75 -14.69 12.47
C LEU A 261 -4.27 -14.82 12.69
N HIS A 262 -4.96 -15.42 11.73
CA HIS A 262 -6.39 -15.59 11.87
C HIS A 262 -6.82 -16.95 12.45
N GLN A 263 -5.97 -17.60 13.23
CA GLN A 263 -6.26 -18.99 13.59
C GLN A 263 -7.53 -19.20 14.43
N ASN A 264 -7.88 -18.23 15.27
CA ASN A 264 -9.13 -18.30 16.04
C ASN A 264 -10.40 -18.47 15.17
N ASN A 265 -10.34 -17.95 13.97
CA ASN A 265 -11.43 -18.05 12.96
C ASN A 265 -11.56 -19.39 12.25
N ILE A 266 -10.55 -20.25 12.35
CA ILE A 266 -10.60 -21.59 11.73
C ILE A 266 -11.79 -22.44 12.17
N VAL A 267 -12.01 -22.58 13.47
CA VAL A 267 -13.09 -23.44 13.94
C VAL A 267 -14.45 -22.87 13.53
N SER A 268 -14.60 -21.58 13.78
CA SER A 268 -15.87 -20.88 13.64
C SER A 268 -15.62 -19.37 13.29
N SER A 269 -16.25 -18.92 12.21
CA SER A 269 -16.09 -17.54 11.76
C SER A 269 -17.45 -17.03 11.31
N ILE A 270 -17.81 -15.85 11.79
CA ILE A 270 -19.02 -15.23 11.27
C ILE A 270 -18.71 -14.04 10.42
N SER A 271 -17.44 -13.87 10.06
CA SER A 271 -17.05 -12.85 9.08
C SER A 271 -16.85 -13.48 7.68
N GLU A 272 -17.64 -13.09 6.68
CA GLU A 272 -17.49 -13.62 5.32
C GLU A 272 -16.07 -13.43 4.78
N ILE A 273 -15.43 -12.34 5.13
CA ILE A 273 -14.20 -11.98 4.49
C ILE A 273 -13.09 -12.80 5.12
N LYS A 274 -13.15 -13.07 6.43
CA LYS A 274 -12.10 -13.91 7.02
C LYS A 274 -12.24 -15.37 6.65
N THR A 275 -13.48 -15.82 6.48
CA THR A 275 -13.74 -17.19 6.08
C THR A 275 -13.18 -17.39 4.63
N ASN A 276 -13.47 -16.44 3.76
CA ASN A 276 -13.10 -16.57 2.39
C ASN A 276 -11.62 -16.48 2.23
N LEU A 277 -11.00 -15.61 3.02
CA LEU A 277 -9.55 -15.51 3.03
C LEU A 277 -8.87 -16.80 3.47
N LEU A 278 -9.28 -17.34 4.60
CA LEU A 278 -8.77 -18.62 5.04
C LEU A 278 -9.04 -19.78 4.04
N ILE A 279 -10.21 -19.85 3.42
CA ILE A 279 -10.49 -20.92 2.40
C ILE A 279 -9.47 -20.80 1.24
N LEU A 280 -9.25 -19.56 0.75
CA LEU A 280 -8.29 -19.33 -0.37
C LEU A 280 -6.82 -19.55 0.04
N GLN A 281 -6.42 -19.05 1.20
CA GLN A 281 -5.05 -19.34 1.64
C GLN A 281 -4.77 -20.83 1.91
N LEU A 282 -5.73 -21.52 2.51
CA LEU A 282 -5.57 -22.97 2.74
C LEU A 282 -5.61 -23.72 1.44
N GLY A 283 -6.42 -23.26 0.46
CA GLY A 283 -6.54 -23.91 -0.86
C GLY A 283 -5.20 -23.66 -1.59
N LEU A 284 -4.57 -22.47 -1.45
CA LEU A 284 -3.28 -22.28 -2.06
C LEU A 284 -2.19 -23.20 -1.42
N LEU A 285 -2.18 -23.23 -0.10
CA LEU A 285 -1.25 -24.10 0.60
C LEU A 285 -1.44 -25.53 0.24
N LEU A 286 -2.70 -25.96 0.14
CA LEU A 286 -2.95 -27.35 -0.22
C LEU A 286 -2.35 -27.63 -1.63
N ASN A 287 -2.51 -26.72 -2.62
CA ASN A 287 -1.88 -26.98 -3.96
C ASN A 287 -0.37 -27.11 -3.86
N ILE A 288 0.22 -26.41 -2.90
CA ILE A 288 1.66 -26.47 -2.78
C ILE A 288 2.09 -27.71 -1.99
N VAL A 289 1.58 -27.92 -0.78
CA VAL A 289 2.05 -28.99 0.07
C VAL A 289 1.68 -30.36 -0.48
N SER A 290 0.58 -30.47 -1.25
CA SER A 290 0.20 -31.75 -1.83
C SER A 290 1.11 -32.19 -3.00
N GLU A 291 1.83 -31.26 -3.61
CA GLU A 291 2.59 -31.56 -4.84
C GLU A 291 4.10 -31.27 -4.72
N ALA A 292 4.52 -30.58 -3.67
CA ALA A 292 5.91 -30.21 -3.50
C ALA A 292 6.33 -30.38 -2.05
N THR A 293 6.89 -31.52 -1.71
CA THR A 293 7.51 -31.68 -0.39
C THR A 293 8.81 -30.88 -0.40
N THR A 294 8.70 -29.57 -0.20
CA THR A 294 9.88 -28.71 -0.17
C THR A 294 10.53 -28.81 1.19
N ALA A 295 11.87 -28.93 1.20
CA ALA A 295 12.68 -29.13 2.42
C ALA A 295 12.68 -27.91 3.39
N ALA A 296 12.77 -26.70 2.81
CA ALA A 296 12.79 -25.43 3.58
C ALA A 296 11.43 -25.00 4.15
N SER A 297 10.37 -25.13 3.32
CA SER A 297 8.99 -24.74 3.68
C SER A 297 8.53 -25.45 4.96
N THR A 298 8.71 -26.77 4.92
CA THR A 298 8.40 -27.68 6.00
C THR A 298 9.12 -27.31 7.30
N GLU A 299 8.88 -26.08 7.77
CA GLU A 299 9.33 -25.62 9.10
C GLU A 299 8.34 -24.57 9.62
N GLU A 300 7.91 -23.72 8.70
CA GLU A 300 6.93 -22.66 8.96
C GLU A 300 5.51 -23.23 9.30
N LEU A 301 5.22 -24.40 8.72
CA LEU A 301 3.96 -25.13 8.93
C LEU A 301 3.86 -25.74 10.31
N THR A 302 4.94 -25.69 11.05
CA THR A 302 5.05 -26.29 12.39
C THR A 302 3.93 -25.85 13.31
N ASN A 303 3.63 -24.55 13.32
CA ASN A 303 2.62 -24.03 14.23
C ASN A 303 1.23 -24.58 13.98
N PHE A 304 1.05 -25.28 12.85
CA PHE A 304 -0.28 -25.89 12.55
C PHE A 304 -0.57 -26.97 13.60
N GLY A 305 0.49 -27.57 14.18
CA GLY A 305 0.30 -28.66 15.19
C GLY A 305 -0.42 -28.14 16.44
N ALA A 306 -0.10 -26.89 16.88
CA ALA A 306 -0.71 -26.37 18.11
C ALA A 306 -2.21 -26.15 17.85
N VAL A 307 -2.51 -25.67 16.63
CA VAL A 307 -3.92 -25.48 16.25
C VAL A 307 -4.63 -26.84 16.17
N PHE A 308 -3.97 -27.83 15.55
CA PHE A 308 -4.54 -29.16 15.49
C PHE A 308 -4.77 -29.72 16.89
N ARG A 309 -3.78 -29.56 17.76
CA ARG A 309 -3.97 -29.97 19.19
C ARG A 309 -5.14 -29.30 19.93
N SER A 310 -5.26 -28.00 19.74
CA SER A 310 -6.32 -27.25 20.37
C SER A 310 -7.67 -27.74 19.89
N VAL A 311 -7.78 -27.97 18.59
CA VAL A 311 -9.01 -28.52 18.05
C VAL A 311 -9.37 -29.92 18.57
N PHE A 312 -8.34 -30.77 18.73
CA PHE A 312 -8.58 -32.12 19.27
C PHE A 312 -9.10 -32.07 20.72
N VAL A 313 -8.57 -31.16 21.52
CA VAL A 313 -9.04 -31.01 22.91
C VAL A 313 -10.49 -30.52 22.91
N LYS A 314 -10.75 -29.47 22.14
CA LYS A 314 -12.11 -28.90 22.05
C LYS A 314 -12.81 -29.19 20.75
N LYS A 315 -13.08 -30.46 20.44
CA LYS A 315 -13.71 -30.86 19.17
C LYS A 315 -14.98 -30.06 18.94
N PRO A 316 -15.05 -29.30 17.83
CA PRO A 316 -16.26 -28.52 17.64
C PRO A 316 -17.43 -29.46 17.43
N THR A 317 -18.62 -28.96 17.73
CA THR A 317 -19.79 -29.77 17.54
C THR A 317 -20.04 -29.99 16.02
N GLU A 318 -20.01 -28.92 15.21
CA GLU A 318 -20.16 -29.08 13.75
C GLU A 318 -18.87 -28.60 13.10
N MET A 319 -18.53 -29.18 11.97
CA MET A 319 -17.23 -28.96 11.34
C MET A 319 -17.40 -27.98 10.21
N SER A 320 -16.81 -26.78 10.31
CA SER A 320 -16.84 -25.84 9.17
C SER A 320 -16.00 -26.35 8.02
N PHE A 321 -16.28 -25.88 6.81
CA PHE A 321 -15.48 -26.17 5.66
C PHE A 321 -14.00 -25.72 5.87
N VAL A 322 -13.79 -24.58 6.57
CA VAL A 322 -12.46 -23.95 6.76
C VAL A 322 -11.62 -24.92 7.64
N LEU A 323 -12.22 -25.39 8.73
CA LEU A 323 -11.65 -26.41 9.58
C LEU A 323 -11.30 -27.73 8.85
N GLN A 324 -12.19 -28.24 7.98
CA GLN A 324 -11.95 -29.47 7.20
C GLN A 324 -10.78 -29.25 6.28
N LEU A 325 -10.75 -28.08 5.62
CA LEU A 325 -9.61 -27.71 4.77
C LEU A 325 -8.30 -27.59 5.59
N PHE A 326 -8.38 -27.00 6.78
CA PHE A 326 -7.20 -26.89 7.63
C PHE A 326 -6.62 -28.26 8.00
N LEU A 327 -7.49 -29.21 8.37
CA LEU A 327 -7.13 -30.58 8.73
C LEU A 327 -6.52 -31.30 7.56
N LEU A 328 -7.04 -31.08 6.37
CA LEU A 328 -6.48 -31.69 5.20
C LEU A 328 -5.03 -31.15 4.95
N VAL A 329 -4.83 -29.83 5.05
CA VAL A 329 -3.51 -29.26 4.90
C VAL A 329 -2.58 -29.71 6.03
N TYR A 330 -3.09 -29.79 7.26
CA TYR A 330 -2.30 -30.26 8.42
C TYR A 330 -1.77 -31.69 8.19
N ALA A 331 -2.61 -32.54 7.62
CA ALA A 331 -2.30 -33.93 7.34
C ALA A 331 -1.16 -34.04 6.34
N TYR A 332 -1.18 -33.24 5.27
CA TYR A 332 -0.01 -33.13 4.39
C TYR A 332 1.25 -32.59 5.00
N SER A 333 1.13 -31.60 5.87
CA SER A 333 2.33 -31.00 6.46
C SER A 333 2.87 -31.95 7.54
N ALA A 334 2.00 -32.74 8.17
CA ALA A 334 2.48 -33.66 9.18
C ALA A 334 3.27 -34.76 8.50
N GLY A 335 2.78 -35.24 7.36
CA GLY A 335 3.52 -36.21 6.53
C GLY A 335 4.87 -35.66 6.11
N ALA A 336 4.93 -34.41 5.65
CA ALA A 336 6.20 -33.83 5.23
C ALA A 336 7.21 -33.65 6.36
N ALA A 337 6.73 -33.47 7.59
CA ALA A 337 7.58 -33.16 8.71
C ALA A 337 7.97 -34.43 9.46
N GLY A 338 7.49 -35.57 9.00
CA GLY A 338 7.77 -36.81 9.72
C GLY A 338 7.08 -36.96 11.05
N VAL A 339 6.00 -36.24 11.27
CA VAL A 339 5.27 -36.28 12.54
C VAL A 339 4.49 -37.57 12.67
N GLN A 340 4.52 -38.21 13.84
CA GLN A 340 3.68 -39.38 14.12
C GLN A 340 2.53 -39.06 15.08
N LEU A 341 1.28 -39.16 14.65
CA LEU A 341 0.22 -38.87 15.62
C LEU A 341 -0.05 -40.06 16.50
N PRO A 342 -0.36 -39.84 17.79
CA PRO A 342 -0.83 -40.91 18.68
C PRO A 342 -2.22 -41.38 18.28
N PRO A 343 -2.67 -42.54 18.81
CA PRO A 343 -3.90 -43.18 18.30
C PRO A 343 -5.21 -42.42 18.33
N ALA A 344 -5.51 -41.70 19.41
CA ALA A 344 -6.79 -40.97 19.47
C ALA A 344 -6.76 -39.76 18.50
N GLU A 345 -5.63 -39.06 18.42
CA GLU A 345 -5.42 -37.99 17.47
C GLU A 345 -5.54 -38.49 16.02
N ALA A 346 -4.92 -39.64 15.76
CA ALA A 346 -4.88 -40.11 14.40
C ALA A 346 -6.26 -40.59 14.02
N ASP A 347 -7.00 -41.15 14.97
CA ASP A 347 -8.39 -41.56 14.69
C ASP A 347 -9.36 -40.40 14.52
N PHE A 348 -9.19 -39.34 15.31
CA PHE A 348 -9.97 -38.10 15.09
C PHE A 348 -9.70 -37.55 13.65
N LEU A 349 -8.43 -37.35 13.32
CA LEU A 349 -8.05 -36.82 11.99
C LEU A 349 -8.56 -37.69 10.82
N LYS A 350 -8.47 -38.99 11.00
CA LYS A 350 -8.93 -39.95 9.96
C LYS A 350 -10.42 -39.85 9.81
N SER A 351 -11.13 -39.85 10.96
CA SER A 351 -12.60 -39.82 10.89
C SER A 351 -13.09 -38.50 10.30
N GLU A 352 -12.45 -37.40 10.68
CA GLU A 352 -12.80 -36.08 10.06
C GLU A 352 -12.52 -36.05 8.59
N LEU A 353 -11.43 -36.63 8.14
CA LEU A 353 -11.10 -36.57 6.71
C LEU A 353 -12.02 -37.45 5.89
N GLU A 354 -12.39 -38.64 6.43
CA GLU A 354 -13.33 -39.54 5.72
C GLU A 354 -14.73 -38.91 5.54
N ALA A 355 -15.24 -38.31 6.60
CA ALA A 355 -16.45 -37.52 6.54
C ALA A 355 -16.33 -36.32 5.55
N PHE A 356 -15.21 -35.59 5.57
CA PHE A 356 -14.93 -34.55 4.55
C PHE A 356 -14.96 -35.17 3.11
N ALA A 357 -14.26 -36.28 2.88
CA ALA A 357 -14.41 -36.99 1.61
C ALA A 357 -15.89 -37.23 1.24
N THR A 358 -16.75 -37.46 2.21
CA THR A 358 -18.10 -37.83 1.83
C THR A 358 -18.96 -36.64 1.41
N ASP A 359 -18.71 -35.44 1.95
CA ASP A 359 -19.37 -34.20 1.48
C ASP A 359 -19.12 -33.91 0.00
N VAL A 360 -20.16 -33.35 -0.61
CA VAL A 360 -20.27 -33.20 -2.06
C VAL A 360 -19.23 -32.30 -2.78
N ASN A 366 -10.75 -30.37 -6.61
CA ASN A 366 -9.58 -31.28 -6.65
C ASN A 366 -9.34 -32.03 -5.31
N ILE A 367 -10.16 -31.63 -4.35
CA ILE A 367 -10.07 -31.95 -2.95
C ILE A 367 -10.26 -33.44 -2.68
N HIS A 368 -11.27 -34.08 -3.29
CA HIS A 368 -11.55 -35.51 -3.03
C HIS A 368 -10.35 -36.47 -3.22
N THR A 369 -9.64 -36.26 -4.32
CA THR A 369 -8.43 -36.94 -4.68
C THR A 369 -7.33 -36.70 -3.66
N ARG A 370 -7.24 -35.49 -3.15
CA ARG A 370 -6.19 -35.16 -2.17
C ARG A 370 -6.52 -35.69 -0.78
N ILE A 371 -7.81 -35.81 -0.47
CA ILE A 371 -8.18 -36.53 0.73
C ILE A 371 -7.83 -38.03 0.64
N THR A 372 -8.17 -38.62 -0.51
CA THR A 372 -7.92 -40.02 -0.74
C THR A 372 -6.46 -40.33 -0.58
N ARG A 373 -5.63 -39.50 -1.22
CA ARG A 373 -4.22 -39.68 -1.15
C ARG A 373 -3.64 -39.54 0.27
N VAL A 374 -4.11 -38.59 1.09
CA VAL A 374 -3.56 -38.51 2.46
C VAL A 374 -4.09 -39.56 3.41
N LEU A 375 -5.31 -40.04 3.16
CA LEU A 375 -5.85 -41.16 3.92
C LEU A 375 -4.93 -42.39 3.92
N GLU A 376 -4.14 -42.58 2.85
CA GLU A 376 -3.20 -43.69 2.77
C GLU A 376 -2.06 -43.57 3.78
N THR A 377 -1.80 -42.36 4.30
CA THR A 377 -0.71 -42.19 5.25
C THR A 377 -1.23 -42.38 6.67
N LEU A 378 -2.52 -42.64 6.82
CA LEU A 378 -3.16 -42.91 8.10
C LEU A 378 -3.66 -44.38 7.99
N ARG B 12 2.21 37.76 51.03
CA ARG B 12 2.73 36.42 51.46
C ARG B 12 2.20 35.26 50.60
N THR B 13 0.88 35.19 50.36
CA THR B 13 0.15 34.01 49.77
C THR B 13 0.02 32.72 50.69
N MET B 14 0.45 32.84 51.93
CA MET B 14 0.53 31.70 52.87
C MET B 14 -0.82 30.98 53.06
N GLY B 15 -1.89 31.75 53.27
CA GLY B 15 -3.24 31.20 53.32
C GLY B 15 -3.60 30.32 52.12
N GLU B 16 -3.08 30.67 50.93
CA GLU B 16 -3.48 29.90 49.71
C GLU B 16 -2.66 28.60 49.63
N THR B 17 -1.36 28.72 49.80
CA THR B 17 -0.46 27.59 50.09
C THR B 17 -1.03 26.60 51.08
N LEU B 18 -1.45 27.04 52.25
CA LEU B 18 -2.04 26.11 53.24
C LEU B 18 -3.22 25.39 52.68
N LYS B 19 -4.05 26.12 51.93
CA LYS B 19 -5.23 25.46 51.42
C LYS B 19 -4.86 24.48 50.31
N TYR B 20 -3.86 24.80 49.48
CA TYR B 20 -3.43 23.80 48.49
C TYR B 20 -2.80 22.57 49.13
N SER B 21 -2.05 22.78 50.22
CA SER B 21 -1.39 21.73 50.98
C SER B 21 -2.40 20.75 51.47
N GLU B 22 -3.47 21.27 52.04
CA GLU B 22 -4.52 20.42 52.56
C GLU B 22 -5.30 19.76 51.46
N ASP B 23 -5.51 20.49 50.37
CA ASP B 23 -6.09 19.88 49.15
C ASP B 23 -5.25 18.68 48.67
N LEU B 24 -3.95 18.89 48.53
CA LEU B 24 -3.03 17.79 48.23
C LEU B 24 -3.05 16.66 49.27
N ASP B 25 -3.13 17.00 50.57
CA ASP B 25 -3.22 15.97 51.59
C ASP B 25 -4.39 15.03 51.31
N PHE B 26 -5.52 15.61 50.91
CA PHE B 26 -6.72 14.79 50.61
C PHE B 26 -6.53 13.82 49.45
N ILE B 27 -6.00 14.31 48.34
CA ILE B 27 -5.74 13.43 47.18
C ILE B 27 -4.72 12.32 47.48
N LEU B 28 -3.61 12.66 48.13
CA LEU B 28 -2.51 11.69 48.39
C LEU B 28 -2.71 10.69 49.54
N SER B 29 -3.34 11.13 50.64
CA SER B 29 -3.53 10.32 51.88
C SER B 29 -4.04 8.92 51.54
N ASP B 30 -3.33 7.87 51.99
CA ASP B 30 -3.72 6.48 51.72
C ASP B 30 -3.65 5.64 52.99
N ARG B 39 -8.31 6.32 44.80
CA ARG B 39 -6.96 6.37 44.20
C ARG B 39 -7.03 6.80 42.72
N ARG B 40 -7.72 6.05 41.88
CA ARG B 40 -7.94 6.46 40.53
C ARG B 40 -8.74 7.77 40.53
N ASN B 41 -9.75 7.82 41.43
CA ASN B 41 -10.65 8.95 41.49
C ASN B 41 -10.02 10.27 41.91
N ASN B 42 -9.16 10.17 42.92
CA ASN B 42 -8.36 11.27 43.40
C ASN B 42 -7.38 11.77 42.33
N MET B 43 -6.83 10.82 41.56
CA MET B 43 -6.02 11.17 40.41
C MET B 43 -6.77 12.02 39.45
N LEU B 44 -8.02 11.69 39.20
CA LEU B 44 -8.79 12.48 38.20
C LEU B 44 -9.09 13.89 38.73
N ARG B 45 -9.28 13.94 40.07
CA ARG B 45 -9.61 15.22 40.75
C ARG B 45 -8.42 16.16 40.67
N LEU B 46 -7.28 15.64 41.08
CA LEU B 46 -6.03 16.37 40.91
C LEU B 46 -5.83 16.93 39.48
N CYS B 47 -6.00 16.07 38.44
CA CYS B 47 -5.77 16.53 37.06
C CYS B 47 -6.65 17.67 36.69
N LEU B 48 -7.94 17.56 37.03
CA LEU B 48 -8.91 18.65 36.68
C LEU B 48 -8.64 19.96 37.44
N ASP B 49 -8.27 19.86 38.73
CA ASP B 49 -7.81 21.02 39.48
C ASP B 49 -6.53 21.63 38.88
N MET B 50 -5.53 20.80 38.58
CA MET B 50 -4.31 21.36 37.95
C MET B 50 -4.66 22.06 36.67
N MET B 51 -5.49 21.39 35.85
CA MET B 51 -5.89 21.94 34.53
C MET B 51 -6.54 23.32 34.72
N ASN B 52 -7.37 23.43 35.76
CA ASN B 52 -8.09 24.68 36.10
C ASN B 52 -7.30 25.76 36.86
N ASN B 53 -6.22 25.38 37.56
CA ASN B 53 -5.52 26.35 38.43
C ASN B 53 -4.00 26.34 38.31
N GLU B 54 -3.41 27.35 37.69
CA GLU B 54 -1.95 27.35 37.45
C GLU B 54 -1.12 27.37 38.74
N ASP B 55 -1.48 28.18 39.72
CA ASP B 55 -0.54 28.26 40.85
C ASP B 55 -0.67 27.10 41.82
N LEU B 56 -1.75 26.32 41.67
CA LEU B 56 -1.82 25.00 42.28
C LEU B 56 -0.66 24.16 41.73
N CYS B 57 -0.47 24.20 40.41
CA CYS B 57 0.66 23.53 39.76
C CYS B 57 1.97 24.00 40.34
N GLN B 58 2.07 25.33 40.54
CA GLN B 58 3.27 25.97 41.10
C GLN B 58 3.48 25.55 42.56
N TYR B 59 2.41 25.38 43.33
CA TYR B 59 2.48 24.86 44.68
C TYR B 59 3.11 23.45 44.70
N ILE B 60 2.66 22.60 43.78
CA ILE B 60 3.04 21.19 43.77
C ILE B 60 4.51 21.11 43.39
N VAL B 61 4.91 21.86 42.38
CA VAL B 61 6.26 21.87 41.83
C VAL B 61 7.23 22.39 42.91
N LYS B 62 6.80 23.44 43.60
CA LYS B 62 7.63 24.06 44.63
C LYS B 62 7.75 23.17 45.86
N TYR B 63 6.65 22.55 46.33
CA TYR B 63 6.63 21.87 47.64
C TYR B 63 6.41 20.35 47.66
N ARG B 64 5.71 19.82 46.65
CA ARG B 64 5.26 18.44 46.76
C ARG B 64 5.57 17.62 45.52
N HIS B 65 6.49 18.12 44.70
CA HIS B 65 6.71 17.54 43.36
C HIS B 65 6.96 16.05 43.41
N ARG B 66 7.99 15.63 44.12
CA ARG B 66 8.37 14.23 44.12
C ARG B 66 7.36 13.32 44.72
N GLU B 67 6.73 13.80 45.79
CA GLU B 67 5.69 13.05 46.48
C GLU B 67 4.50 12.85 45.53
N VAL B 68 4.06 13.89 44.85
CA VAL B 68 2.96 13.78 43.86
C VAL B 68 3.36 12.85 42.69
N TRP B 69 4.60 12.94 42.21
CA TRP B 69 5.04 12.07 41.11
C TRP B 69 5.07 10.62 41.48
N GLU B 70 5.68 10.32 42.64
CA GLU B 70 5.77 8.94 43.09
C GLU B 70 4.38 8.31 43.31
N TRP B 71 3.42 9.15 43.63
CA TRP B 71 2.09 8.67 43.90
C TRP B 71 1.36 8.42 42.60
N CYS B 72 1.39 9.39 41.68
CA CYS B 72 0.81 9.22 40.34
C CYS B 72 1.35 8.01 39.56
N PHE B 73 2.64 7.73 39.69
CA PHE B 73 3.30 6.69 38.89
C PHE B 73 3.57 5.40 39.67
N GLN B 74 2.96 5.26 40.85
CA GLN B 74 3.28 4.08 41.67
C GLN B 74 2.84 2.85 40.91
N GLY B 75 1.70 2.90 40.24
CA GLY B 75 1.33 1.78 39.39
C GLY B 75 1.14 2.35 38.00
N THR B 76 1.75 1.74 36.99
CA THR B 76 1.34 2.04 35.61
C THR B 76 0.94 0.76 34.91
N ASP B 77 -0.03 0.86 34.04
CA ASP B 77 -0.47 -0.34 33.38
C ASP B 77 -1.17 0.10 32.13
N PRO B 78 -0.49 -0.13 30.98
CA PRO B 78 -0.95 0.28 29.68
C PRO B 78 -2.31 -0.27 29.35
N LYS B 79 -2.70 -1.39 29.96
CA LYS B 79 -4.07 -1.93 29.84
C LYS B 79 -5.17 -1.04 30.42
N GLN B 80 -4.83 -0.23 31.44
CA GLN B 80 -5.76 0.74 32.08
C GLN B 80 -5.73 2.06 31.33
N LYS B 81 -6.55 2.21 30.31
CA LYS B 81 -6.36 3.40 29.42
C LYS B 81 -6.61 4.77 30.02
N VAL B 82 -7.74 4.97 30.67
CA VAL B 82 -8.10 6.31 31.15
C VAL B 82 -7.12 6.79 32.25
N THR B 83 -6.72 5.86 33.11
CA THR B 83 -5.77 6.15 34.17
C THR B 83 -4.45 6.60 33.50
N SER B 84 -4.05 5.87 32.45
CA SER B 84 -2.84 6.16 31.63
C SER B 84 -2.86 7.51 30.95
N LEU B 85 -4.00 7.89 30.48
CA LEU B 85 -4.16 9.19 29.96
C LEU B 85 -3.97 10.25 31.02
N LEU B 86 -4.38 9.95 32.26
CA LEU B 86 -4.31 10.97 33.32
C LEU B 86 -2.80 11.16 33.60
N GLN B 87 -2.11 10.01 33.72
CA GLN B 87 -0.67 9.98 33.91
C GLN B 87 0.15 10.68 32.85
N CYS B 88 -0.30 10.64 31.59
CA CYS B 88 0.31 11.43 30.54
C CYS B 88 0.15 12.90 30.77
N PHE B 89 -1.08 13.30 31.05
CA PHE B 89 -1.33 14.66 31.43
C PHE B 89 -0.42 15.16 32.58
N ILE B 90 -0.23 14.34 33.61
CA ILE B 90 0.58 14.74 34.75
C ILE B 90 2.02 14.98 34.32
N ALA B 91 2.55 14.10 33.46
CA ALA B 91 3.95 14.16 33.12
C ALA B 91 4.25 15.40 32.27
N ASP B 92 3.25 15.87 31.57
CA ASP B 92 3.38 17.01 30.69
C ASP B 92 3.10 18.31 31.46
N LYS B 93 2.22 18.22 32.45
CA LYS B 93 1.79 19.43 33.12
C LYS B 93 2.81 19.80 34.19
N ILE B 94 3.28 18.81 34.97
CA ILE B 94 4.31 19.09 35.98
C ILE B 94 5.53 18.21 35.77
N PRO B 95 6.18 18.33 34.60
CA PRO B 95 7.28 17.42 34.36
C PRO B 95 8.38 17.60 35.39
N LEU B 96 9.01 16.49 35.83
CA LEU B 96 10.27 16.54 36.61
C LEU B 96 11.40 17.15 35.74
N LEU B 97 12.47 17.64 36.37
CA LEU B 97 13.60 18.17 35.58
C LEU B 97 14.13 16.92 34.91
N ARG B 98 14.79 17.09 33.77
CA ARG B 98 15.19 15.94 32.95
C ARG B 98 16.21 14.99 33.54
N HIS B 99 17.04 15.48 34.45
CA HIS B 99 18.00 14.58 35.12
C HIS B 99 17.39 13.75 36.22
N ASP B 100 16.13 13.99 36.61
CA ASP B 100 15.51 13.23 37.73
C ASP B 100 15.37 11.79 37.35
N LYS B 101 15.81 10.89 38.23
CA LYS B 101 15.71 9.44 37.95
C LYS B 101 14.27 8.96 37.84
N ARG B 102 13.38 9.64 38.54
CA ARG B 102 12.04 9.18 38.68
C ARG B 102 11.31 9.17 37.36
N TRP B 103 11.90 9.80 36.33
CA TRP B 103 11.42 9.60 34.96
C TRP B 103 11.33 8.15 34.54
N ALA B 104 12.15 7.28 35.16
CA ALA B 104 12.20 5.84 34.90
C ALA B 104 10.97 5.12 35.40
N MET B 105 10.14 5.83 36.13
CA MET B 105 8.89 5.27 36.60
C MET B 105 7.93 5.14 35.43
N LEU B 106 8.24 5.82 34.31
CA LEU B 106 7.48 5.65 33.07
C LEU B 106 8.30 4.75 32.19
N SER B 107 8.04 3.46 32.29
CA SER B 107 8.77 2.44 31.52
C SER B 107 8.52 2.59 30.02
N LEU B 108 9.57 2.82 29.26
CA LEU B 108 9.44 2.85 27.78
C LEU B 108 8.91 1.52 27.24
N GLU B 109 9.53 0.42 27.62
CA GLU B 109 9.16 -0.87 27.04
C GLU B 109 7.78 -1.38 27.46
N ASN B 110 7.45 -1.27 28.76
CA ASN B 110 6.22 -1.89 29.29
C ASN B 110 5.11 -0.90 29.56
N PHE B 111 5.38 0.37 29.38
CA PHE B 111 4.27 1.31 29.54
C PHE B 111 4.07 2.22 28.31
N ILE B 112 5.09 3.01 27.98
CA ILE B 112 4.97 4.06 26.95
C ILE B 112 4.88 3.47 25.53
N LEU B 113 5.77 2.54 25.18
CA LEU B 113 5.67 1.92 23.82
C LEU B 113 4.31 1.23 23.54
N PRO B 114 3.81 0.32 24.45
CA PRO B 114 2.47 -0.24 24.25
C PRO B 114 1.39 0.79 24.16
N LEU B 115 1.48 1.90 24.89
CA LEU B 115 0.38 2.88 24.80
C LEU B 115 0.41 3.65 23.48
N ALA B 116 1.63 3.98 23.05
CA ALA B 116 1.85 4.79 21.83
C ALA B 116 1.39 4.05 20.58
N THR B 117 1.37 2.72 20.67
CA THR B 117 1.06 1.87 19.52
C THR B 117 -0.29 1.19 19.60
N ASP B 118 -1.15 1.66 20.52
CA ASP B 118 -2.53 1.19 20.66
C ASP B 118 -3.49 2.34 20.48
N GLU B 119 -4.07 2.44 19.28
CA GLU B 119 -5.01 3.52 18.93
C GLU B 119 -6.42 3.36 19.50
N VAL B 120 -6.75 2.20 20.05
CA VAL B 120 -8.13 2.01 20.53
C VAL B 120 -8.32 2.60 21.96
N PHE B 121 -9.03 3.71 22.00
CA PHE B 121 -9.28 4.40 23.24
C PHE B 121 -10.77 4.35 23.64
N PRO B 122 -11.12 3.82 24.85
CA PRO B 122 -12.54 3.76 25.40
C PRO B 122 -13.38 5.00 25.07
N LYS B 123 -14.49 4.83 24.33
CA LYS B 123 -15.07 5.85 23.38
C LYS B 123 -15.64 7.10 24.03
N LYS B 124 -16.14 6.86 25.22
CA LYS B 124 -16.27 7.85 26.26
C LYS B 124 -16.12 6.99 27.51
N ILE B 125 -16.56 7.52 28.63
CA ILE B 125 -16.46 6.79 29.88
C ILE B 125 -17.70 5.88 30.05
N ALA B 126 -18.02 5.05 29.04
CA ALA B 126 -19.23 4.19 29.09
C ALA B 126 -19.00 2.80 29.77
N ARG B 129 -20.52 8.42 37.89
CA ARG B 129 -21.48 9.44 37.37
C ARG B 129 -20.87 10.81 37.51
N LEU B 130 -20.61 11.22 38.76
CA LEU B 130 -19.84 12.44 39.01
C LEU B 130 -18.42 12.27 38.40
N VAL B 131 -17.83 11.09 38.63
CA VAL B 131 -16.57 10.66 38.02
C VAL B 131 -16.65 10.89 36.48
N LYS B 132 -17.76 10.45 35.86
CA LYS B 132 -18.05 10.61 34.40
C LYS B 132 -18.13 12.07 33.91
N LEU B 133 -18.71 12.94 34.71
CA LEU B 133 -18.79 14.38 34.40
C LEU B 133 -17.39 15.03 34.52
N ASN B 134 -16.67 14.69 35.59
CA ASN B 134 -15.34 15.26 35.75
C ASN B 134 -14.40 14.76 34.65
N TYR B 135 -14.52 13.48 34.31
CA TYR B 135 -13.76 12.86 33.23
C TYR B 135 -13.96 13.61 31.88
N GLN B 136 -15.20 13.74 31.44
CA GLN B 136 -15.57 14.58 30.28
C GLN B 136 -15.12 16.08 30.32
N ASP B 137 -15.18 16.70 31.50
CA ASP B 137 -14.72 18.09 31.66
C ASP B 137 -13.24 18.22 31.22
N LEU B 138 -12.46 17.27 31.72
CA LEU B 138 -11.04 17.26 31.56
C LEU B 138 -10.66 16.95 30.08
N LEU B 139 -11.32 15.94 29.48
CA LEU B 139 -11.11 15.49 28.09
C LEU B 139 -11.19 16.69 27.18
N ARG B 140 -12.18 17.55 27.43
CA ARG B 140 -12.36 18.76 26.64
C ARG B 140 -11.22 19.79 26.77
N LYS B 141 -10.33 19.63 27.76
CA LYS B 141 -9.24 20.59 27.95
C LYS B 141 -7.90 20.01 27.47
N LEU B 142 -7.73 18.69 27.56
CA LEU B 142 -6.44 18.05 27.30
C LEU B 142 -5.87 18.33 25.92
N LYS B 143 -4.53 18.29 25.83
CA LYS B 143 -3.80 18.55 24.57
C LYS B 143 -4.16 17.48 23.51
N PHE B 144 -4.32 16.22 23.95
CA PHE B 144 -4.60 15.04 23.15
C PHE B 144 -5.64 14.29 23.92
N THR B 145 -6.51 13.52 23.25
CA THR B 145 -7.66 12.95 23.93
C THR B 145 -7.59 11.43 23.89
N ASN B 146 -6.39 10.91 23.65
CA ASN B 146 -6.20 9.47 23.73
C ASN B 146 -4.77 9.22 24.04
N THR B 147 -4.51 8.01 24.53
CA THR B 147 -3.23 7.65 25.02
C THR B 147 -2.15 7.31 23.92
N CYS B 148 -2.59 7.00 22.71
CA CYS B 148 -1.71 6.85 21.57
C CYS B 148 -0.97 8.18 21.30
N GLU B 149 -1.71 9.25 21.08
CA GLU B 149 -1.10 10.52 20.75
C GLU B 149 -0.34 11.10 21.95
N TYR B 150 -0.91 10.99 23.16
CA TYR B 150 -0.28 11.62 24.29
C TYR B 150 0.97 10.87 24.63
N ALA B 151 0.96 9.54 24.58
CA ALA B 151 2.16 8.75 24.82
C ALA B 151 3.30 9.05 23.75
N LEU B 152 2.92 9.29 22.50
CA LEU B 152 3.91 9.52 21.44
C LEU B 152 4.55 10.89 21.78
N TYR B 153 3.69 11.84 22.18
CA TYR B 153 4.13 13.16 22.53
C TYR B 153 5.08 13.13 23.72
N ILE B 154 4.79 12.32 24.74
CA ILE B 154 5.63 12.27 25.99
C ILE B 154 6.95 11.58 25.69
N TRP B 155 6.87 10.48 24.95
CA TRP B 155 8.06 9.78 24.48
C TRP B 155 8.97 10.72 23.73
N ALA B 156 8.41 11.54 22.85
CA ALA B 156 9.23 12.40 21.97
C ALA B 156 9.75 13.61 22.73
N THR B 157 9.03 14.04 23.77
CA THR B 157 9.36 15.28 24.43
C THR B 157 10.26 14.97 25.62
N TYR B 158 9.95 13.91 26.36
CA TYR B 158 10.65 13.71 27.65
C TYR B 158 11.44 12.45 27.74
N LEU B 159 11.14 11.46 26.92
CA LEU B 159 11.78 10.18 27.13
C LEU B 159 12.72 9.74 26.02
N LEU B 160 13.41 10.68 25.40
CA LEU B 160 14.15 10.31 24.19
C LEU B 160 15.63 10.22 24.57
N TYR B 161 16.08 9.02 24.90
CA TYR B 161 17.48 8.84 25.33
C TYR B 161 18.31 8.25 24.19
N THR B 162 19.63 8.13 24.45
CA THR B 162 20.67 7.66 23.50
C THR B 162 20.49 6.17 23.10
N GLU B 163 19.74 5.42 23.93
CA GLU B 163 19.46 3.99 23.69
C GLU B 163 18.16 3.78 22.91
N ALA B 164 18.15 2.75 22.06
CA ALA B 164 16.94 2.38 21.32
C ALA B 164 16.08 1.47 22.19
N VAL B 165 14.78 1.46 21.94
CA VAL B 165 13.89 0.62 22.73
C VAL B 165 13.43 -0.62 21.98
N TYR B 166 13.48 -1.75 22.67
CA TYR B 166 13.29 -3.02 22.01
C TYR B 166 11.95 -3.04 21.31
N GLY B 167 11.92 -3.46 20.04
CA GLY B 167 10.64 -3.68 19.34
C GLY B 167 9.95 -2.41 18.86
N ALA B 168 10.57 -1.26 19.11
CA ALA B 168 9.99 0.07 18.73
C ALA B 168 9.76 0.19 17.23
N VAL B 169 10.77 -0.19 16.45
CA VAL B 169 10.70 0.08 15.00
C VAL B 169 9.56 -0.66 14.29
N PRO B 170 9.45 -1.99 14.42
CA PRO B 170 8.27 -2.67 13.80
C PRO B 170 6.91 -2.22 14.35
N ALA B 171 6.79 -1.99 15.66
CA ALA B 171 5.54 -1.44 16.26
C ALA B 171 5.17 -0.08 15.70
N LEU B 172 6.13 0.86 15.64
CA LEU B 172 5.77 2.16 15.11
C LEU B 172 5.39 2.03 13.62
N ALA B 173 6.05 1.13 12.90
CA ALA B 173 5.74 1.01 11.43
C ALA B 173 4.34 0.43 11.26
N ARG B 174 4.07 -0.59 12.09
CA ARG B 174 2.72 -1.20 12.07
C ARG B 174 1.67 -0.21 12.37
N LEU B 175 1.92 0.67 13.35
CA LEU B 175 0.96 1.76 13.70
C LEU B 175 0.74 2.76 12.56
N ILE B 176 1.81 3.20 11.92
CA ILE B 176 1.66 4.11 10.78
C ILE B 176 0.85 3.44 9.65
N SER B 177 1.15 2.19 9.33
CA SER B 177 0.37 1.53 8.28
C SER B 177 -1.11 1.33 8.61
N ARG B 178 -1.53 1.45 9.88
CA ARG B 178 -2.90 1.04 10.20
C ARG B 178 -4.15 1.72 9.63
N GLY B 179 -4.23 3.00 9.28
CA GLY B 179 -3.32 4.08 9.58
C GLY B 179 -4.36 5.03 10.15
N GLN B 180 -4.72 4.80 11.40
CA GLN B 180 -5.82 5.52 12.05
C GLN B 180 -5.39 6.80 12.76
N LEU B 181 -4.37 7.46 12.23
CA LEU B 181 -3.77 8.61 12.91
C LEU B 181 -3.60 9.70 11.88
N LYS B 182 -4.02 10.91 12.20
CA LYS B 182 -4.00 11.97 11.17
C LYS B 182 -2.64 12.62 10.95
N ASP B 183 -1.77 12.54 11.95
CA ASP B 183 -0.45 13.18 11.87
C ASP B 183 0.66 12.20 12.29
N TRP B 184 1.66 12.03 11.42
CA TRP B 184 2.57 10.93 11.61
C TRP B 184 3.95 11.42 11.96
N ASP B 185 4.11 12.74 11.96
CA ASP B 185 5.44 13.34 12.16
C ASP B 185 6.12 12.82 13.42
N THR B 186 5.40 12.71 14.53
CA THR B 186 6.02 12.31 15.76
C THR B 186 6.34 10.84 15.72
N ALA B 187 5.40 10.03 15.22
CA ALA B 187 5.64 8.56 15.20
C ALA B 187 6.79 8.24 14.24
N CYS B 188 6.82 8.93 13.10
CA CYS B 188 7.93 8.71 12.14
C CYS B 188 9.29 9.15 12.70
N SER B 189 9.29 10.29 13.39
CA SER B 189 10.53 10.83 13.96
C SER B 189 11.03 9.83 15.04
N LEU B 190 10.10 9.25 15.82
CA LEU B 190 10.46 8.27 16.85
C LEU B 190 10.97 6.98 16.19
N LEU B 191 10.29 6.52 15.13
CA LEU B 191 10.77 5.38 14.37
C LEU B 191 12.22 5.62 13.95
N GLU B 192 12.45 6.76 13.31
CA GLU B 192 13.77 7.08 12.76
C GLU B 192 14.81 7.09 13.89
N ASN B 193 14.48 7.75 14.99
CA ASN B 193 15.41 7.84 16.10
C ASN B 193 15.72 6.49 16.78
N ASN B 194 14.90 5.47 16.55
CA ASN B 194 15.21 4.16 17.10
C ASN B 194 15.90 3.21 16.15
N ILE B 195 16.37 3.74 15.02
CA ILE B 195 17.16 2.91 14.08
C ILE B 195 18.60 3.17 14.44
N VAL B 196 19.33 2.11 14.78
CA VAL B 196 20.70 2.32 15.26
C VAL B 196 21.66 2.24 14.08
N ALA B 197 22.84 2.86 14.25
CA ALA B 197 23.95 2.87 13.27
C ALA B 197 24.62 1.49 13.10
N ALA B 198 24.95 0.83 14.22
CA ALA B 198 25.52 -0.53 14.19
C ALA B 198 24.49 -1.51 14.67
N PRO B 199 23.62 -1.98 13.77
CA PRO B 199 22.62 -2.91 14.28
C PRO B 199 23.08 -4.34 14.21
N SER B 200 22.49 -5.20 15.04
CA SER B 200 22.73 -6.63 14.99
C SER B 200 21.83 -7.29 13.95
N GLY B 201 22.06 -8.58 13.69
CA GLY B 201 21.22 -9.39 12.81
C GLY B 201 19.73 -9.38 13.09
N SER B 202 19.34 -9.52 14.36
CA SER B 202 17.91 -9.47 14.77
C SER B 202 17.34 -8.08 14.55
N ASP B 203 18.14 -7.05 14.86
CA ASP B 203 17.79 -5.64 14.58
C ASP B 203 17.44 -5.52 13.08
N ILE B 204 18.40 -5.93 12.25
CA ILE B 204 18.22 -5.87 10.81
C ILE B 204 16.91 -6.54 10.44
N GLU B 205 16.57 -7.65 11.07
CA GLU B 205 15.39 -8.39 10.63
C GLU B 205 14.17 -7.53 10.92
N GLU B 206 14.26 -6.82 12.04
CA GLU B 206 13.21 -5.93 12.55
C GLU B 206 13.11 -4.75 11.62
N TYR B 207 14.26 -4.26 11.16
CA TYR B 207 14.31 -3.21 10.15
C TYR B 207 13.61 -3.63 8.86
N ALA B 208 13.82 -4.84 8.41
CA ALA B 208 13.20 -5.26 7.16
C ALA B 208 11.71 -5.43 7.27
N GLN B 209 11.21 -5.84 8.45
CA GLN B 209 9.75 -5.97 8.69
C GLN B 209 9.07 -4.61 8.57
N ALA B 210 9.71 -3.64 9.19
CA ALA B 210 9.26 -2.27 9.15
C ALA B 210 9.29 -1.73 7.72
N PHE B 211 10.40 -1.97 7.02
CA PHE B 211 10.51 -1.50 5.62
C PHE B 211 9.38 -2.11 4.74
N GLN B 212 9.19 -3.41 4.83
CA GLN B 212 8.09 -4.07 4.11
C GLN B 212 6.73 -3.50 4.49
N THR B 213 6.51 -3.30 5.81
CA THR B 213 5.26 -2.66 6.24
C THR B 213 5.02 -1.27 5.63
N LEU B 214 5.98 -0.39 5.75
CA LEU B 214 5.84 0.95 5.15
C LEU B 214 5.80 0.96 3.60
N ALA B 215 6.53 0.04 2.97
CA ALA B 215 6.55 -0.04 1.48
C ALA B 215 5.21 -0.49 0.94
N GLY B 216 4.41 -1.12 1.81
CA GLY B 216 3.03 -1.45 1.49
C GLY B 216 2.04 -0.30 1.52
N LEU B 217 2.44 0.91 1.93
CA LEU B 217 1.47 2.04 2.04
C LEU B 217 0.96 2.49 0.70
N SER B 218 -0.19 3.16 0.65
CA SER B 218 -0.67 3.68 -0.63
C SER B 218 0.27 4.78 -1.16
N ARG B 219 0.09 5.17 -2.42
CA ARG B 219 1.03 6.05 -3.05
C ARG B 219 0.91 7.41 -2.38
N GLU B 220 -0.32 7.74 -2.00
CA GLU B 220 -0.63 8.97 -1.26
C GLU B 220 0.14 9.05 0.09
N LYS B 221 0.15 7.97 0.82
CA LYS B 221 0.81 7.94 2.08
C LYS B 221 2.34 7.94 1.90
N LEU B 222 2.82 7.48 0.74
CA LEU B 222 4.25 7.49 0.47
C LEU B 222 4.68 8.89 0.01
N THR B 223 3.78 9.88 0.05
CA THR B 223 4.22 11.26 -0.18
C THR B 223 4.39 11.96 1.15
N ASN B 224 4.19 11.21 2.22
CA ASN B 224 4.38 11.75 3.54
C ASN B 224 5.90 11.89 3.82
N GLU B 225 6.37 13.08 4.20
CA GLU B 225 7.83 13.26 4.49
C GLU B 225 8.41 12.34 5.55
N GLY B 226 7.71 12.16 6.65
CA GLY B 226 8.28 11.32 7.70
C GLY B 226 8.35 9.84 7.28
N VAL B 227 7.34 9.35 6.57
CA VAL B 227 7.42 8.02 5.99
C VAL B 227 8.69 7.85 5.08
N LEU B 228 8.89 8.78 4.17
CA LEU B 228 10.03 8.71 3.27
C LEU B 228 11.33 8.77 4.07
N LYS B 229 11.45 9.66 5.06
CA LYS B 229 12.68 9.73 5.88
C LYS B 229 12.90 8.39 6.59
N CYS B 230 11.86 7.73 7.09
CA CYS B 230 12.04 6.38 7.62
C CYS B 230 12.56 5.38 6.63
N LEU B 231 11.91 5.32 5.47
CA LEU B 231 12.29 4.43 4.40
C LEU B 231 13.76 4.61 3.96
N ILE B 232 14.20 5.88 3.86
CA ILE B 232 15.59 6.15 3.55
C ILE B 232 16.54 5.62 4.64
N LYS B 233 16.23 5.92 5.90
CA LYS B 233 17.08 5.45 7.00
C LYS B 233 17.03 3.94 7.07
N LEU B 234 15.87 3.31 6.87
CA LEU B 234 15.87 1.84 6.82
C LEU B 234 16.73 1.22 5.70
N THR B 235 16.68 1.78 4.48
CA THR B 235 17.45 1.20 3.33
C THR B 235 18.88 1.68 3.26
N ASN B 236 19.28 2.58 4.17
CA ASN B 236 20.74 2.86 4.34
C ASN B 236 21.53 1.62 4.74
N HIS B 237 20.80 0.67 5.31
CA HIS B 237 21.28 -0.66 5.68
C HIS B 237 20.99 -1.64 4.56
N THR B 238 22.00 -1.92 3.77
CA THR B 238 21.88 -2.70 2.55
C THR B 238 21.21 -4.04 2.67
N THR B 239 21.38 -4.68 3.80
CA THR B 239 20.79 -6.02 4.03
C THR B 239 19.28 -5.94 4.04
N VAL B 240 18.77 -4.78 4.51
CA VAL B 240 17.32 -4.48 4.43
C VAL B 240 16.79 -4.62 2.99
N LEU B 241 17.52 -4.02 2.04
CA LEU B 241 17.20 -4.10 0.61
C LEU B 241 17.24 -5.51 0.13
N GLU B 242 18.29 -6.24 0.51
CA GLU B 242 18.40 -7.67 0.14
C GLU B 242 17.27 -8.56 0.65
N LEU B 243 16.86 -8.39 1.91
CA LEU B 243 15.72 -9.14 2.46
C LEU B 243 14.40 -8.71 1.89
N SER B 244 14.40 -7.59 1.18
CA SER B 244 13.16 -7.03 0.69
C SER B 244 13.07 -6.96 -0.80
N ALA B 245 13.96 -7.68 -1.50
CA ALA B 245 14.13 -7.54 -2.96
C ALA B 245 12.81 -7.55 -3.78
N ASP B 246 11.87 -8.34 -3.33
CA ASP B 246 10.63 -8.57 -4.08
C ASP B 246 9.70 -7.34 -4.13
N LEU B 247 9.65 -6.60 -3.02
CA LEU B 247 9.01 -5.31 -2.96
C LEU B 247 9.58 -4.17 -3.81
N LEU B 248 10.87 -4.21 -4.09
CA LEU B 248 11.54 -3.04 -4.69
C LEU B 248 10.96 -2.55 -6.01
N PRO B 249 10.63 -3.44 -6.96
CA PRO B 249 10.06 -2.89 -8.23
C PRO B 249 8.77 -2.09 -8.10
N SER B 250 7.91 -2.53 -7.20
CA SER B 250 6.71 -1.81 -6.87
C SER B 250 6.98 -0.42 -6.25
N LEU B 251 7.98 -0.35 -5.38
CA LEU B 251 8.38 0.92 -4.78
C LEU B 251 9.02 1.84 -5.78
N VAL B 252 9.90 1.27 -6.68
CA VAL B 252 10.54 2.07 -7.69
C VAL B 252 9.45 2.67 -8.59
N ARG B 253 8.43 1.88 -8.91
CA ARG B 253 7.44 2.40 -9.83
C ARG B 253 6.72 3.56 -9.22
N SER B 254 6.30 3.38 -7.96
CA SER B 254 5.63 4.50 -7.25
C SER B 254 6.48 5.78 -7.20
N LEU B 255 7.73 5.61 -6.92
CA LEU B 255 8.58 6.77 -6.80
C LEU B 255 8.78 7.39 -8.14
N ALA B 256 9.00 6.58 -9.18
CA ALA B 256 9.37 7.15 -10.46
C ALA B 256 8.18 7.90 -11.07
N MET B 257 6.98 7.36 -10.88
CA MET B 257 5.71 8.00 -11.31
C MET B 257 5.53 9.37 -10.67
N SER B 258 5.82 9.45 -9.38
CA SER B 258 5.72 10.68 -8.65
C SER B 258 6.76 11.69 -9.17
N VAL B 259 8.00 11.27 -9.27
CA VAL B 259 9.01 12.09 -9.95
C VAL B 259 8.61 12.58 -11.35
N GLN B 260 8.13 11.67 -12.19
CA GLN B 260 7.67 11.99 -13.52
C GLN B 260 6.54 13.03 -13.44
N LEU B 261 5.53 12.83 -12.57
CA LEU B 261 4.41 13.77 -12.38
C LEU B 261 4.87 15.18 -11.98
N HIS B 262 5.84 15.28 -11.10
CA HIS B 262 6.33 16.58 -10.60
C HIS B 262 7.57 17.01 -11.28
N GLN B 263 7.77 16.55 -12.49
CA GLN B 263 9.02 16.88 -13.18
C GLN B 263 9.38 18.34 -13.41
N ASN B 264 8.40 19.21 -13.71
CA ASN B 264 8.70 20.67 -13.89
C ASN B 264 9.27 21.22 -12.59
N ASN B 265 8.88 20.63 -11.47
CA ASN B 265 9.34 21.10 -10.14
C ASN B 265 10.81 20.84 -9.86
N ILE B 266 11.38 19.88 -10.55
CA ILE B 266 12.81 19.64 -10.42
C ILE B 266 13.65 20.85 -10.84
N VAL B 267 13.25 21.55 -11.91
CA VAL B 267 13.98 22.72 -12.38
C VAL B 267 13.53 24.00 -11.68
N SER B 268 12.23 24.20 -11.59
CA SER B 268 11.77 25.37 -10.85
C SER B 268 10.59 25.11 -9.94
N SER B 269 10.71 25.44 -8.64
CA SER B 269 9.60 25.16 -7.74
C SER B 269 9.56 26.28 -6.73
N ILE B 270 8.35 26.72 -6.35
CA ILE B 270 8.22 27.73 -5.30
C ILE B 270 7.48 27.15 -4.09
N SER B 271 7.28 25.86 -4.12
CA SER B 271 6.65 25.17 -3.02
C SER B 271 7.73 24.34 -2.34
N GLU B 272 8.04 24.66 -1.09
CA GLU B 272 9.00 23.94 -0.25
C GLU B 272 8.56 22.51 -0.08
N ILE B 273 7.27 22.27 0.00
CA ILE B 273 6.87 20.92 0.20
C ILE B 273 7.13 20.05 -1.03
N LYS B 274 7.03 20.62 -2.23
CA LYS B 274 7.22 19.82 -3.47
C LYS B 274 8.70 19.55 -3.66
N THR B 275 9.51 20.55 -3.34
CA THR B 275 10.94 20.40 -3.39
C THR B 275 11.41 19.30 -2.44
N ASN B 276 10.97 19.37 -1.20
CA ASN B 276 11.34 18.36 -0.21
C ASN B 276 10.88 16.97 -0.53
N LEU B 277 9.68 16.86 -1.08
CA LEU B 277 9.12 15.58 -1.50
C LEU B 277 10.05 15.00 -2.56
N LEU B 278 10.41 15.80 -3.56
CA LEU B 278 11.24 15.30 -4.64
C LEU B 278 12.63 14.90 -4.07
N ILE B 279 13.19 15.72 -3.16
CA ILE B 279 14.45 15.37 -2.51
C ILE B 279 14.39 13.96 -1.87
N LEU B 280 13.35 13.71 -1.10
CA LEU B 280 13.23 12.48 -0.35
C LEU B 280 12.93 11.35 -1.27
N GLN B 281 12.03 11.54 -2.21
CA GLN B 281 11.84 10.49 -3.24
C GLN B 281 13.06 10.11 -4.03
N LEU B 282 13.81 11.10 -4.47
CA LEU B 282 14.98 10.79 -5.22
C LEU B 282 16.02 10.15 -4.33
N GLY B 283 16.04 10.52 -3.03
CA GLY B 283 17.12 10.01 -2.13
C GLY B 283 16.76 8.55 -1.87
N LEU B 284 15.48 8.19 -1.77
CA LEU B 284 15.09 6.75 -1.59
C LEU B 284 15.39 5.96 -2.87
N LEU B 285 15.02 6.50 -4.01
CA LEU B 285 15.44 5.88 -5.27
C LEU B 285 16.93 5.70 -5.37
N LEU B 286 17.72 6.67 -4.89
CA LEU B 286 19.14 6.57 -5.02
C LEU B 286 19.62 5.33 -4.19
N ASN B 287 19.05 5.15 -2.99
CA ASN B 287 19.41 3.96 -2.14
C ASN B 287 19.08 2.70 -2.87
N ILE B 288 17.93 2.63 -3.54
CA ILE B 288 17.55 1.43 -4.31
C ILE B 288 18.40 1.20 -5.55
N VAL B 289 18.65 2.23 -6.34
CA VAL B 289 19.37 1.98 -7.60
C VAL B 289 20.86 1.74 -7.40
N SER B 290 21.44 2.26 -6.34
CA SER B 290 22.86 2.10 -6.16
C SER B 290 23.20 0.77 -5.52
N GLU B 291 22.23 0.18 -4.83
CA GLU B 291 22.50 -1.06 -4.13
C GLU B 291 21.70 -2.25 -4.67
N ALA B 292 20.57 -2.01 -5.36
CA ALA B 292 19.71 -3.17 -5.64
C ALA B 292 19.11 -3.10 -7.03
N THR B 293 19.88 -2.62 -7.99
CA THR B 293 19.42 -2.55 -9.37
C THR B 293 19.09 -3.94 -9.86
N THR B 294 17.92 -4.08 -10.51
CA THR B 294 17.56 -5.27 -11.26
C THR B 294 16.98 -4.88 -12.61
N ALA B 295 16.63 -5.89 -13.39
CA ALA B 295 16.00 -5.63 -14.68
C ALA B 295 14.66 -4.93 -14.49
N ALA B 296 13.88 -5.38 -13.49
CA ALA B 296 12.54 -4.85 -13.21
C ALA B 296 12.59 -3.39 -12.73
N SER B 297 13.50 -3.09 -11.82
CA SER B 297 13.66 -1.70 -11.41
C SER B 297 14.13 -0.77 -12.54
N THR B 298 15.10 -1.23 -13.31
CA THR B 298 15.52 -0.53 -14.52
C THR B 298 14.39 -0.28 -15.50
N GLU B 299 13.52 -1.27 -15.76
CA GLU B 299 12.33 -0.97 -16.61
C GLU B 299 11.35 0.07 -16.01
N GLU B 300 11.19 0.09 -14.70
CA GLU B 300 10.40 1.12 -14.04
C GLU B 300 11.01 2.53 -14.13
N LEU B 301 12.32 2.63 -14.43
CA LEU B 301 12.95 3.98 -14.56
C LEU B 301 13.11 4.47 -15.98
N THR B 302 12.46 3.81 -16.90
CA THR B 302 12.66 4.14 -18.31
C THR B 302 12.17 5.56 -18.69
N ASN B 303 11.22 6.16 -17.96
CA ASN B 303 10.72 7.48 -18.40
C ASN B 303 11.64 8.64 -17.94
N PHE B 304 12.69 8.26 -17.24
CA PHE B 304 13.58 9.28 -16.65
C PHE B 304 14.34 9.95 -17.78
N GLY B 305 14.55 9.23 -18.89
CA GLY B 305 15.21 9.81 -20.08
C GLY B 305 14.53 11.11 -20.52
N ALA B 306 13.22 11.09 -20.64
CA ALA B 306 12.44 12.30 -21.02
C ALA B 306 12.60 13.41 -20.01
N VAL B 307 12.62 13.02 -18.72
CA VAL B 307 12.80 14.04 -17.71
C VAL B 307 14.16 14.67 -17.92
N PHE B 308 15.19 13.82 -18.11
CA PHE B 308 16.54 14.35 -18.33
C PHE B 308 16.56 15.24 -19.60
N ARG B 309 15.85 14.84 -20.64
CA ARG B 309 15.85 15.61 -21.92
C ARG B 309 15.28 17.02 -21.66
N SER B 310 14.23 17.04 -20.83
CA SER B 310 13.60 18.31 -20.48
C SER B 310 14.54 19.20 -19.75
N VAL B 311 15.35 18.61 -18.87
CA VAL B 311 16.20 19.38 -18.02
C VAL B 311 17.34 19.94 -18.88
N PHE B 312 17.87 19.10 -19.79
CA PHE B 312 18.96 19.50 -20.65
C PHE B 312 18.50 20.72 -21.48
N VAL B 313 17.29 20.68 -22.01
CA VAL B 313 16.79 21.76 -22.89
C VAL B 313 16.59 23.06 -22.10
N LYS B 314 15.95 22.93 -20.92
CA LYS B 314 15.79 24.07 -20.02
C LYS B 314 17.10 24.69 -19.57
N LYS B 315 18.23 23.99 -19.70
CA LYS B 315 19.56 24.57 -19.33
C LYS B 315 19.46 25.46 -18.06
N PRO B 316 19.15 24.86 -16.90
CA PRO B 316 18.92 25.76 -15.76
C PRO B 316 20.20 26.48 -15.25
N THR B 317 20.04 27.75 -14.87
CA THR B 317 21.11 28.61 -14.33
C THR B 317 21.59 28.08 -13.01
N GLU B 318 20.66 27.98 -12.08
CA GLU B 318 20.93 27.58 -10.71
C GLU B 318 20.79 26.06 -10.55
N MET B 319 21.89 25.37 -10.30
CA MET B 319 21.82 23.92 -10.09
C MET B 319 21.47 23.47 -8.67
N SER B 320 20.16 23.41 -8.39
CA SER B 320 19.66 22.98 -7.09
C SER B 320 20.08 21.57 -6.62
N PHE B 321 19.89 21.32 -5.35
CA PHE B 321 20.25 20.02 -4.80
C PHE B 321 19.31 18.95 -5.41
N VAL B 322 18.03 19.25 -5.51
CA VAL B 322 17.06 18.32 -6.13
C VAL B 322 17.44 17.99 -7.62
N LEU B 323 17.91 18.98 -8.35
CA LEU B 323 18.44 18.74 -9.67
C LEU B 323 19.63 17.82 -9.71
N GLN B 324 20.55 18.04 -8.79
CA GLN B 324 21.73 17.22 -8.71
C GLN B 324 21.39 15.78 -8.36
N LEU B 325 20.47 15.57 -7.44
CA LEU B 325 20.01 14.23 -7.08
C LEU B 325 19.29 13.58 -8.20
N PHE B 326 18.47 14.32 -8.92
CA PHE B 326 17.80 13.72 -10.05
C PHE B 326 18.82 13.21 -11.10
N LEU B 327 19.85 14.04 -11.39
CA LEU B 327 20.89 13.71 -12.39
C LEU B 327 21.75 12.51 -11.95
N LEU B 328 21.96 12.41 -10.65
CA LEU B 328 22.69 11.24 -10.11
C LEU B 328 21.85 9.96 -10.32
N VAL B 329 20.61 9.97 -9.89
CA VAL B 329 19.69 8.84 -10.15
C VAL B 329 19.56 8.47 -11.63
N TYR B 330 19.45 9.50 -12.48
CA TYR B 330 19.31 9.31 -13.94
C TYR B 330 20.58 8.64 -14.46
N ALA B 331 21.75 9.07 -13.99
CA ALA B 331 23.03 8.46 -14.42
C ALA B 331 23.07 6.98 -14.08
N TYR B 332 22.60 6.59 -12.88
CA TYR B 332 22.49 5.12 -12.52
C TYR B 332 21.57 4.39 -13.46
N SER B 333 20.41 4.98 -13.75
CA SER B 333 19.40 4.20 -14.47
C SER B 333 19.81 4.13 -15.95
N ALA B 334 20.54 5.15 -16.44
CA ALA B 334 21.07 5.21 -17.80
C ALA B 334 22.09 4.11 -18.03
N GLY B 335 22.96 3.90 -17.04
CA GLY B 335 24.03 2.89 -17.08
C GLY B 335 23.37 1.51 -17.06
N ALA B 336 22.42 1.29 -16.18
CA ALA B 336 21.68 -0.01 -16.15
C ALA B 336 20.93 -0.26 -17.45
N ALA B 337 20.45 0.79 -18.15
CA ALA B 337 19.68 0.56 -19.39
C ALA B 337 20.55 0.49 -20.63
N GLY B 338 21.86 0.71 -20.48
CA GLY B 338 22.73 0.78 -21.67
C GLY B 338 22.52 2.01 -22.56
N VAL B 339 22.05 3.11 -22.01
CA VAL B 339 21.87 4.33 -22.82
C VAL B 339 23.22 4.89 -23.24
N GLN B 340 23.29 5.37 -24.49
CA GLN B 340 24.45 6.06 -24.98
C GLN B 340 24.10 7.53 -25.18
N LEU B 341 24.60 8.42 -24.33
CA LEU B 341 24.33 9.83 -24.53
C LEU B 341 25.23 10.55 -25.55
N PRO B 342 24.64 11.42 -26.40
CA PRO B 342 25.47 12.14 -27.33
C PRO B 342 26.35 13.17 -26.62
N PRO B 343 27.37 13.68 -27.30
CA PRO B 343 28.37 14.44 -26.61
C PRO B 343 27.89 15.65 -25.78
N ALA B 344 26.93 16.42 -26.27
CA ALA B 344 26.58 17.59 -25.49
C ALA B 344 25.82 17.17 -24.21
N GLU B 345 24.92 16.21 -24.32
CA GLU B 345 24.21 15.62 -23.16
C GLU B 345 25.20 15.00 -22.18
N ALA B 346 26.15 14.18 -22.68
CA ALA B 346 27.09 13.51 -21.76
C ALA B 346 28.01 14.54 -21.08
N ASP B 347 28.36 15.60 -21.80
CA ASP B 347 29.18 16.66 -21.18
C ASP B 347 28.44 17.41 -20.09
N PHE B 348 27.18 17.74 -20.37
CA PHE B 348 26.41 18.45 -19.38
C PHE B 348 26.23 17.56 -18.13
N LEU B 349 25.90 16.28 -18.34
CA LEU B 349 25.73 15.38 -17.19
C LEU B 349 27.03 15.24 -16.38
N LYS B 350 28.15 15.01 -17.08
CA LYS B 350 29.46 14.85 -16.43
C LYS B 350 29.96 16.09 -15.62
N SER B 351 29.94 17.24 -16.27
CA SER B 351 30.22 18.51 -15.56
C SER B 351 29.26 18.78 -14.37
N GLU B 352 27.95 18.52 -14.51
CA GLU B 352 27.13 18.68 -13.32
C GLU B 352 27.47 17.67 -12.21
N LEU B 353 27.74 16.42 -12.57
CA LEU B 353 28.02 15.45 -11.53
C LEU B 353 29.35 15.71 -10.85
N GLU B 354 30.34 16.11 -11.65
CA GLU B 354 31.62 16.55 -11.07
C GLU B 354 31.47 17.73 -10.08
N ALA B 355 30.66 18.75 -10.42
CA ALA B 355 30.41 19.83 -9.45
C ALA B 355 29.64 19.33 -8.24
N PHE B 356 28.76 18.35 -8.43
CA PHE B 356 28.02 17.77 -7.32
C PHE B 356 28.96 17.07 -6.37
N ALA B 357 29.93 16.33 -6.93
CA ALA B 357 30.89 15.61 -6.11
C ALA B 357 31.70 16.59 -5.21
N THR B 358 32.08 17.73 -5.79
CA THR B 358 32.79 18.78 -5.04
C THR B 358 31.91 19.35 -3.90
N ASP B 359 30.66 19.64 -4.20
CA ASP B 359 29.78 20.19 -3.19
C ASP B 359 29.57 19.28 -1.98
N VAL B 360 29.48 17.98 -2.20
CA VAL B 360 29.23 17.09 -1.08
C VAL B 360 30.49 16.52 -0.45
N SER B 361 31.62 16.71 -1.11
CA SER B 361 32.94 16.21 -0.67
C SER B 361 33.01 16.02 0.82
N SER B 362 32.88 17.16 1.52
CA SER B 362 33.11 17.23 2.94
C SER B 362 31.94 16.66 3.71
N TYR B 363 30.71 17.02 3.35
CA TYR B 363 29.61 16.65 4.26
C TYR B 363 28.92 15.28 4.10
N ASN B 364 29.09 14.59 2.97
CA ASN B 364 28.39 13.32 2.73
C ASN B 364 29.21 12.37 1.87
N HIS B 365 29.90 11.46 2.53
CA HIS B 365 30.78 10.50 1.88
C HIS B 365 30.01 9.43 1.13
N ASN B 366 28.81 9.15 1.61
CA ASN B 366 27.94 8.18 1.00
C ASN B 366 27.59 8.64 -0.41
N ILE B 367 27.13 9.88 -0.51
CA ILE B 367 26.72 10.35 -1.81
C ILE B 367 27.94 10.53 -2.72
N HIS B 368 29.05 11.00 -2.12
CA HIS B 368 30.23 11.22 -2.91
C HIS B 368 30.77 9.95 -3.57
N THR B 369 30.83 8.85 -2.82
CA THR B 369 31.14 7.55 -3.41
C THR B 369 30.17 7.11 -4.55
N ARG B 370 28.88 7.35 -4.38
CA ARG B 370 27.91 7.10 -5.42
C ARG B 370 28.13 7.93 -6.69
N ILE B 371 28.50 9.18 -6.53
CA ILE B 371 28.82 10.04 -7.68
C ILE B 371 30.04 9.52 -8.43
N THR B 372 31.06 9.22 -7.64
CA THR B 372 32.32 8.73 -8.17
C THR B 372 32.10 7.44 -8.92
N ARG B 373 31.31 6.49 -8.35
CA ARG B 373 30.95 5.28 -9.13
C ARG B 373 30.30 5.61 -10.46
N VAL B 374 29.34 6.51 -10.54
CA VAL B 374 28.78 6.77 -11.87
C VAL B 374 29.66 7.60 -12.81
N LEU B 375 30.58 8.42 -12.27
CA LEU B 375 31.50 9.13 -13.12
C LEU B 375 32.39 8.17 -13.88
N GLU B 376 32.57 6.94 -13.37
CA GLU B 376 33.27 5.95 -14.16
C GLU B 376 32.63 5.61 -15.55
N THR B 377 31.34 5.83 -15.70
CA THR B 377 30.64 5.41 -16.90
C THR B 377 30.64 6.59 -17.88
N LEU B 378 31.24 7.67 -17.44
CA LEU B 378 31.38 8.86 -18.26
C LEU B 378 32.90 9.14 -18.24
#